data_7JLN
#
_entry.id   7JLN
#
_cell.length_a   69.420
_cell.length_b   50.073
_cell.length_c   125.171
_cell.angle_alpha   90.000
_cell.angle_beta   93.103
_cell.angle_gamma   90.000
#
_symmetry.space_group_name_H-M   'P 1 21 1'
#
loop_
_entity.id
_entity.type
_entity.pdbx_description
1 polymer 'iv9 Heavy Chain'
2 polymer 'iv9 Light Chain'
3 polymer 'glVRC01 Heavy Chain'
4 polymer 'glVRC01 Light Chain'
5 non-polymer 'AMMONIUM ION'
6 non-polymer 'SODIUM ION'
7 water water
#
loop_
_entity_poly.entity_id
_entity_poly.type
_entity_poly.pdbx_seq_one_letter_code
_entity_poly.pdbx_strand_id
1 'polypeptide(L)'
;(PCA)VQLQQPGAELVRPGTSIMLSCKTSGYTFTSYWINWVKQRPGQGLEWIGNIWPSDSYTNYNQRFKGKATLTVDKSS
NTAFMQLSSPTSEDSAVYYCTRDFGASYVGFAYWGQGTLVTVSAASTKGPSVFPLAPSSKSTSGGTAALGCLVKDYFPEP
VTVSWNSGALTSGVHTFPAVLQSSGLYSLSSVVTVPSSSLGTQTYICNVNHKPSNTKVDKRVEPKSCDK
;
A
2 'polypeptide(L)'
;DIVMTQSPSSLSVSAGERVTLSCKSSQSLLNSGNQKNYLAWYQQKPGQPPKLLIYGASTRESGVPDRFTGSGSGTDFTLT
ISSVQAEDLAVYYCQNDESYPYTFGGGTKLEIKRTVAAPSVFIFPPSDEQLKSGTASVVCLLNNFYPREAKVQWKVDNAL
QSGNSQESVTEQDSKDSTYSLSSTLTLSKADYEKHKVYACEVTHQGLSSPVTKSFNRGEC
;
B
3 'polypeptide(L)'
;(PCA)VQLVQSGAEVKKPGASVKVSCKASGYTFTGYYMHWVRQAPGQGLEWMGWINPNSGGTNYAQKFQGRVTMTRDTSI
STAYMELSRLRSDDTAVYYCARGKNSDYNWDFQHWGQGTLVTVSSASTKGPSVFPLAPSSKSTSGGTAALGCLVKDYFPE
PVTVSWNSGALTSGVHTFPAVLQSSGLYSLSSVVTVPSSSLGTQTYICNVNHKPSNTKVDKRVEPKSCDKTHHHHHH
;
H
4 'polypeptide(L)'
;EIVLTQSPATLSLSPGERATLSCRASQSVSSYLAWYQQKPGQAPRLLIYDASNRATGIPARFSGSGSGTDFTLTISSLEP
EDFAVYYCQQYEFFGQGTKLEIKRTVAAPSVFIFPPSDEQLKSGTASVVCLLNNFYPREAKVQWKVDNALQSGNSQESVT
EQDSKDSTYSLSSTLTLSKADYEKHKVYACEVTHQGLSSPVTKSFNRGEC
;
L
#
loop_
_chem_comp.id
_chem_comp.type
_chem_comp.name
_chem_comp.formula
NA non-polymer 'SODIUM ION' 'Na 1'
NH4 non-polymer 'AMMONIUM ION' 'H4 N 1'
#
# COMPACT_ATOMS: atom_id res chain seq x y z
N PCA A 1 -3.33 4.84 25.24
CA PCA A 1 -4.15 4.53 24.01
CB PCA A 1 -5.52 5.21 24.09
CG PCA A 1 -5.42 6.21 25.22
CD PCA A 1 -4.14 5.87 25.91
OE PCA A 1 -3.81 6.40 26.96
C PCA A 1 -3.43 4.96 22.75
O PCA A 1 -2.49 5.75 22.83
H PCA A 1 -3.77 4.57 25.96
HA PCA A 1 -4.30 3.56 23.98
HB2 PCA A 1 -5.71 5.65 23.23
HB3 PCA A 1 -6.22 4.56 24.27
HG2 PCA A 1 -5.43 7.13 24.88
HG3 PCA A 1 -6.18 6.10 25.83
N VAL A 2 -3.86 4.44 21.61
CA VAL A 2 -3.22 4.76 20.34
C VAL A 2 -3.16 6.28 20.18
N GLN A 3 -2.06 6.76 19.62
CA GLN A 3 -1.82 8.19 19.51
C GLN A 3 -0.82 8.45 18.40
N LEU A 4 -1.11 9.44 17.56
CA LEU A 4 -0.27 9.82 16.43
C LEU A 4 -0.04 11.32 16.49
N GLN A 5 1.17 11.73 16.89
CA GLN A 5 1.49 13.14 17.09
C GLN A 5 2.24 13.67 15.88
N GLN A 6 1.65 14.66 15.21
CA GLN A 6 2.27 15.33 14.08
C GLN A 6 2.50 16.80 14.40
N PRO A 7 3.59 17.40 13.92
CA PRO A 7 3.79 18.84 14.15
C PRO A 7 2.69 19.66 13.53
N GLY A 8 2.43 20.83 14.12
CA GLY A 8 1.32 21.64 13.68
C GLY A 8 1.48 22.14 12.25
N ALA A 9 2.69 22.54 11.88
CA ALA A 9 2.91 23.14 10.56
C ALA A 9 4.37 23.01 10.19
N GLU A 10 4.66 23.33 8.92
CA GLU A 10 6.01 23.34 8.40
C GLU A 10 6.06 24.27 7.20
N LEU A 11 7.10 25.11 7.16
CA LEU A 11 7.34 26.01 6.04
C LEU A 11 8.51 25.47 5.23
N VAL A 12 8.30 25.27 3.93
CA VAL A 12 9.28 24.65 3.06
C VAL A 12 9.55 25.57 1.88
N ARG A 13 10.81 25.69 1.49
CA ARG A 13 11.19 26.54 0.38
C ARG A 13 11.26 25.72 -0.91
N PRO A 14 10.83 26.28 -2.05
CA PRO A 14 11.01 25.56 -3.31
C PRO A 14 12.49 25.33 -3.59
N GLY A 15 12.82 24.06 -3.84
CA GLY A 15 14.20 23.64 -3.95
C GLY A 15 14.71 22.86 -2.75
N THR A 16 13.86 22.69 -1.73
CA THR A 16 14.20 21.89 -0.56
C THR A 16 13.04 20.95 -0.28
N SER A 17 13.36 19.77 0.22
CA SER A 17 12.35 18.73 0.41
C SER A 17 11.49 19.02 1.63
N ILE A 18 10.25 18.54 1.57
CA ILE A 18 9.38 18.48 2.74
C ILE A 18 9.84 17.33 3.62
N MET A 19 9.76 17.50 4.93
CA MET A 19 10.24 16.50 5.88
C MET A 19 9.27 16.43 7.05
N LEU A 20 8.34 15.47 6.99
CA LEU A 20 7.32 15.30 8.01
C LEU A 20 7.68 14.15 8.95
N SER A 21 7.14 14.21 10.16
CA SER A 21 7.38 13.21 11.17
C SER A 21 6.05 12.84 11.84
N CYS A 22 6.02 11.63 12.39
CA CYS A 22 4.82 11.11 13.04
C CYS A 22 5.27 10.25 14.21
N LYS A 23 5.28 10.81 15.41
CA LYS A 23 5.63 10.07 16.61
C LYS A 23 4.44 9.25 17.06
N THR A 24 4.65 7.95 17.24
CA THR A 24 3.59 7.00 17.54
C THR A 24 3.71 6.52 18.97
N SER A 25 2.57 6.17 19.56
CA SER A 25 2.52 5.59 20.89
C SER A 25 1.18 4.89 21.07
N GLY A 26 1.15 3.94 22.01
CA GLY A 26 -0.07 3.27 22.39
C GLY A 26 -0.27 1.88 21.80
N TYR A 27 0.67 1.39 21.00
CA TYR A 27 0.54 0.07 20.41
C TYR A 27 1.92 -0.37 19.92
N THR A 28 1.99 -1.59 19.40
CA THR A 28 3.25 -2.13 18.89
C THR A 28 3.52 -1.54 17.52
N PHE A 29 4.54 -0.67 17.44
CA PHE A 29 4.82 0.07 16.22
C PHE A 29 5.00 -0.85 15.02
N THR A 30 5.59 -2.03 15.24
CA THR A 30 5.99 -2.92 14.15
C THR A 30 4.93 -3.96 13.82
N SER A 31 3.66 -3.69 14.14
CA SER A 31 2.58 -4.62 13.89
C SER A 31 1.45 -4.04 13.05
N TYR A 32 1.59 -2.81 12.56
CA TYR A 32 0.54 -2.14 11.81
C TYR A 32 1.13 -1.33 10.67
N TRP A 33 0.42 -1.33 9.54
CA TRP A 33 0.78 -0.43 8.45
C TRP A 33 0.45 1.01 8.81
N ILE A 34 1.29 1.93 8.36
CA ILE A 34 1.06 3.36 8.50
C ILE A 34 0.88 3.95 7.11
N ASN A 35 -0.11 4.83 6.97
CA ASN A 35 -0.41 5.48 5.71
C ASN A 35 -0.21 6.99 5.84
N TRP A 36 0.10 7.62 4.71
CA TRP A 36 0.19 9.07 4.62
C TRP A 36 -0.86 9.55 3.62
N VAL A 37 -1.64 10.55 4.02
CA VAL A 37 -2.74 11.06 3.22
C VAL A 37 -2.57 12.56 3.05
N LYS A 38 -2.89 13.06 1.86
CA LYS A 38 -2.75 14.47 1.52
C LYS A 38 -4.13 15.11 1.38
N GLN A 39 -4.23 16.37 1.78
CA GLN A 39 -5.48 17.11 1.69
C GLN A 39 -5.17 18.59 1.56
N ARG A 40 -5.37 19.14 0.36
CA ARG A 40 -5.30 20.58 0.21
C ARG A 40 -6.48 21.21 0.93
N PRO A 41 -6.31 22.40 1.52
CA PRO A 41 -7.39 23.00 2.30
C PRO A 41 -8.63 23.20 1.46
N GLY A 42 -9.74 22.60 1.91
CA GLY A 42 -11.01 22.72 1.22
C GLY A 42 -11.26 21.70 0.13
N GLN A 43 -10.30 20.83 -0.14
CA GLN A 43 -10.43 19.83 -1.20
C GLN A 43 -10.50 18.44 -0.57
N GLY A 44 -10.32 17.41 -1.40
CA GLY A 44 -10.55 16.03 -1.00
C GLY A 44 -9.34 15.36 -0.39
N LEU A 45 -9.38 14.03 -0.36
CA LEU A 45 -8.34 13.21 0.26
C LEU A 45 -7.61 12.40 -0.80
N GLU A 46 -6.28 12.33 -0.65
CA GLU A 46 -5.42 11.60 -1.57
C GLU A 46 -4.48 10.71 -0.76
N TRP A 47 -4.40 9.44 -1.14
CA TRP A 47 -3.56 8.46 -0.47
C TRP A 47 -2.16 8.49 -1.07
N ILE A 48 -1.16 8.82 -0.25
CA ILE A 48 0.21 8.94 -0.73
C ILE A 48 0.87 7.56 -0.81
N GLY A 49 0.87 6.84 0.31
CA GLY A 49 1.51 5.54 0.35
C GLY A 49 1.39 4.96 1.74
N ASN A 50 2.07 3.84 1.95
CA ASN A 50 2.10 3.19 3.25
C ASN A 50 3.46 2.55 3.46
N ILE A 51 3.72 2.14 4.69
CA ILE A 51 4.99 1.52 5.05
C ILE A 51 4.75 0.48 6.13
N TRP A 52 5.45 -0.65 6.01
CA TRP A 52 5.48 -1.68 7.04
C TRP A 52 6.70 -1.43 7.92
N PRO A 53 6.54 -0.85 9.11
CA PRO A 53 7.72 -0.43 9.88
C PRO A 53 8.68 -1.57 10.19
N SER A 54 8.18 -2.80 10.30
CA SER A 54 9.04 -3.91 10.71
C SER A 54 10.26 -4.04 9.79
N ASP A 55 10.05 -3.89 8.47
CA ASP A 55 11.14 -3.97 7.51
C ASP A 55 11.11 -2.83 6.50
N SER A 56 10.24 -1.83 6.69
CA SER A 56 10.20 -0.61 5.90
C SER A 56 9.69 -0.82 4.47
N TYR A 57 9.02 -1.94 4.20
CA TYR A 57 8.43 -2.14 2.88
C TYR A 57 7.44 -1.02 2.58
N THR A 58 7.57 -0.41 1.40
CA THR A 58 6.77 0.74 1.02
C THR A 58 6.00 0.48 -0.26
N ASN A 59 4.77 1.01 -0.31
CA ASN A 59 3.98 1.12 -1.53
C ASN A 59 3.59 2.57 -1.73
N TYR A 60 3.68 3.05 -2.97
CA TYR A 60 3.45 4.46 -3.27
C TYR A 60 2.36 4.62 -4.34
N ASN A 61 1.60 5.70 -4.21
CA ASN A 61 0.71 6.14 -5.27
C ASN A 61 1.52 6.70 -6.43
N GLN A 62 1.19 6.28 -7.65
CA GLN A 62 2.00 6.65 -8.81
C GLN A 62 1.79 8.10 -9.24
N ARG A 63 0.74 8.77 -8.75
CA ARG A 63 0.52 10.15 -9.14
C ARG A 63 1.60 11.07 -8.60
N PHE A 64 2.34 10.67 -7.57
CA PHE A 64 3.39 11.48 -6.98
C PHE A 64 4.72 11.33 -7.71
N LYS A 65 4.74 10.61 -8.84
CA LYS A 65 5.91 10.54 -9.71
C LYS A 65 7.18 10.21 -8.93
N GLY A 66 7.05 9.39 -7.88
CA GLY A 66 8.20 8.98 -7.10
C GLY A 66 8.81 10.07 -6.23
N LYS A 67 8.16 11.24 -6.14
CA LYS A 67 8.72 12.34 -5.34
C LYS A 67 8.68 12.07 -3.85
N ALA A 68 7.88 11.10 -3.40
CA ALA A 68 7.71 10.83 -1.98
C ALA A 68 8.49 9.60 -1.56
N THR A 69 9.03 9.63 -0.34
CA THR A 69 9.73 8.49 0.26
C THR A 69 9.31 8.36 1.70
N LEU A 70 8.95 7.15 2.10
CA LEU A 70 8.50 6.86 3.47
C LEU A 70 9.57 6.06 4.20
N THR A 71 9.82 6.45 5.45
CA THR A 71 10.76 5.74 6.32
C THR A 71 10.19 5.74 7.74
N VAL A 72 10.89 5.02 8.62
CA VAL A 72 10.53 4.99 10.04
C VAL A 72 11.82 5.00 10.86
N ASP A 73 11.64 5.12 12.17
CA ASP A 73 12.73 4.97 13.15
C ASP A 73 12.15 4.12 14.28
N LYS A 74 12.37 2.80 14.18
CA LYS A 74 11.75 1.87 15.12
C LYS A 74 12.21 2.12 16.55
N SER A 75 13.39 2.70 16.74
CA SER A 75 13.84 3.03 18.08
C SER A 75 12.96 4.10 18.71
N SER A 76 12.45 5.03 17.91
CA SER A 76 11.59 6.11 18.39
C SER A 76 10.12 5.89 18.04
N ASN A 77 9.79 4.79 17.38
CA ASN A 77 8.42 4.53 16.92
C ASN A 77 7.87 5.75 16.16
N THR A 78 8.68 6.24 15.22
CA THR A 78 8.33 7.42 14.44
C THR A 78 8.31 7.05 12.96
N ALA A 79 7.26 7.45 12.27
CA ALA A 79 7.14 7.29 10.83
C ALA A 79 7.37 8.63 10.16
N PHE A 80 8.23 8.65 9.14
CA PHE A 80 8.60 9.88 8.47
C PHE A 80 8.07 9.88 7.03
N MET A 81 7.92 11.08 6.50
CA MET A 81 7.64 11.29 5.09
C MET A 81 8.58 12.36 4.57
N GLN A 82 8.89 12.26 3.27
CA GLN A 82 9.75 13.23 2.64
C GLN A 82 9.27 13.42 1.19
N LEU A 83 9.33 14.65 0.71
CA LEU A 83 8.82 15.00 -0.61
C LEU A 83 9.80 15.96 -1.27
N SER A 84 10.41 15.51 -2.36
CA SER A 84 11.48 16.25 -3.01
C SER A 84 10.91 17.18 -4.09
N SER A 85 11.72 18.17 -4.44
CA SER A 85 11.40 19.18 -5.46
C SER A 85 9.95 19.66 -5.29
N PRO A 86 9.58 20.14 -4.10
CA PRO A 86 8.19 20.55 -3.88
C PRO A 86 7.87 21.88 -4.54
N THR A 87 6.60 22.05 -4.87
CA THR A 87 6.07 23.27 -5.45
C THR A 87 4.83 23.69 -4.67
N SER A 88 4.22 24.80 -5.09
CA SER A 88 2.99 25.25 -4.46
C SER A 88 1.91 24.18 -4.56
N GLU A 89 1.95 23.35 -5.61
CA GLU A 89 1.03 22.22 -5.73
C GLU A 89 1.02 21.36 -4.46
N ASP A 90 2.14 21.33 -3.74
CA ASP A 90 2.29 20.43 -2.60
C ASP A 90 1.89 21.06 -1.27
N SER A 91 1.57 22.35 -1.24
CA SER A 91 1.08 22.96 -0.01
C SER A 91 -0.25 22.32 0.38
N ALA A 92 -0.28 21.72 1.57
CA ALA A 92 -1.47 21.03 2.03
C ALA A 92 -1.31 20.49 3.44
N VAL A 93 -2.35 19.87 3.96
CA VAL A 93 -2.26 19.11 5.20
C VAL A 93 -1.88 17.68 4.84
N TYR A 94 -0.93 17.12 5.59
CA TYR A 94 -0.47 15.74 5.38
C TYR A 94 -0.77 14.95 6.64
N TYR A 95 -1.65 13.96 6.51
CA TYR A 95 -2.09 13.17 7.64
C TYR A 95 -1.25 11.90 7.78
N CYS A 96 -1.08 11.47 9.02
CA CYS A 96 -0.44 10.22 9.36
C CYS A 96 -1.48 9.34 10.03
N THR A 97 -1.81 8.21 9.40
CA THR A 97 -2.89 7.37 9.89
C THR A 97 -2.47 5.90 9.87
N ARG A 98 -3.03 5.13 10.80
CA ARG A 98 -2.71 3.72 10.96
C ARG A 98 -3.89 2.87 10.49
N ASP A 99 -3.57 1.69 9.97
CA ASP A 99 -4.60 0.73 9.60
C ASP A 99 -5.42 0.32 10.82
N PHE A 100 -6.70 0.02 10.59
CA PHE A 100 -7.54 -0.52 11.64
C PHE A 100 -6.96 -1.83 12.17
N GLY A 101 -6.68 -2.77 11.27
CA GLY A 101 -6.11 -4.05 11.68
C GLY A 101 -6.03 -4.99 10.50
N ALA A 102 -5.32 -6.09 10.73
CA ALA A 102 -5.13 -7.10 9.70
C ALA A 102 -6.46 -7.50 9.07
N SER A 103 -7.38 -8.03 9.88
CA SER A 103 -8.66 -8.49 9.39
C SER A 103 -9.69 -7.39 9.25
N TYR A 104 -9.33 -6.13 9.51
CA TYR A 104 -10.27 -5.03 9.50
C TYR A 104 -10.18 -4.27 8.18
N VAL A 105 -10.99 -3.21 8.07
CA VAL A 105 -11.09 -2.40 6.87
C VAL A 105 -10.93 -0.95 7.25
N GLY A 106 -10.09 -0.22 6.52
CA GLY A 106 -10.00 1.21 6.64
C GLY A 106 -8.87 1.67 7.54
N PHE A 107 -8.95 2.95 7.92
CA PHE A 107 -7.94 3.63 8.72
C PHE A 107 -8.61 4.08 10.02
N ALA A 108 -8.19 3.49 11.14
CA ALA A 108 -8.89 3.73 12.40
C ALA A 108 -8.40 5.00 13.10
N TYR A 109 -7.09 5.24 13.10
CA TYR A 109 -6.51 6.30 13.92
C TYR A 109 -5.77 7.29 13.02
N TRP A 110 -5.99 8.58 13.25
CA TRP A 110 -5.44 9.63 12.44
C TRP A 110 -4.69 10.64 13.31
N GLY A 111 -3.61 11.19 12.77
CA GLY A 111 -3.00 12.36 13.37
C GLY A 111 -3.74 13.62 12.98
N GLN A 112 -3.49 14.69 13.73
CA GLN A 112 -4.18 15.95 13.47
C GLN A 112 -3.73 16.61 12.17
N GLY A 113 -2.63 16.16 11.58
CA GLY A 113 -2.19 16.68 10.30
C GLY A 113 -1.20 17.82 10.43
N THR A 114 -0.20 17.83 9.55
CA THR A 114 0.79 18.91 9.50
C THR A 114 0.48 19.78 8.29
N LEU A 115 0.23 21.06 8.54
CA LEU A 115 -0.07 22.01 7.47
C LEU A 115 1.25 22.46 6.85
N VAL A 116 1.55 21.96 5.67
CA VAL A 116 2.77 22.31 4.95
C VAL A 116 2.47 23.49 4.02
N THR A 117 3.31 24.52 4.10
CA THR A 117 3.27 25.63 3.16
C THR A 117 4.59 25.64 2.40
N VAL A 118 4.51 25.44 1.09
CA VAL A 118 5.68 25.54 0.22
C VAL A 118 5.73 26.97 -0.28
N SER A 119 6.73 27.72 0.17
CA SER A 119 6.80 29.14 -0.17
C SER A 119 8.16 29.69 0.23
N ALA A 120 8.58 30.73 -0.47
CA ALA A 120 9.84 31.41 -0.19
C ALA A 120 9.67 32.64 0.70
N ALA A 121 8.43 32.97 1.06
CA ALA A 121 8.21 34.05 2.02
C ALA A 121 8.71 33.64 3.39
N SER A 122 9.08 34.62 4.19
CA SER A 122 9.71 34.37 5.48
C SER A 122 8.67 34.35 6.59
N THR A 123 9.07 33.78 7.73
CA THR A 123 8.19 33.72 8.88
C THR A 123 8.04 35.12 9.49
N LYS A 124 6.83 35.40 9.98
CA LYS A 124 6.55 36.65 10.67
C LYS A 124 5.49 36.39 11.74
N GLY A 125 5.79 36.76 12.98
CA GLY A 125 4.85 36.60 14.06
C GLY A 125 3.71 37.59 13.96
N PRO A 126 2.57 37.26 14.55
CA PRO A 126 1.40 38.14 14.46
C PRO A 126 1.47 39.31 15.43
N SER A 127 0.61 40.29 15.19
CA SER A 127 0.35 41.38 16.11
C SER A 127 -1.08 41.26 16.60
N VAL A 128 -1.25 41.02 17.89
CA VAL A 128 -2.57 40.82 18.48
C VAL A 128 -3.10 42.17 18.93
N PHE A 129 -4.27 42.56 18.42
CA PHE A 129 -4.92 43.79 18.84
C PHE A 129 -6.27 43.46 19.47
N PRO A 130 -6.74 44.27 20.42
CA PRO A 130 -8.04 44.00 21.04
C PRO A 130 -9.20 44.59 20.26
N LEU A 131 -10.33 43.90 20.35
CA LEU A 131 -11.61 44.38 19.84
C LEU A 131 -12.47 44.66 21.08
N ALA A 132 -12.30 45.87 21.62
CA ALA A 132 -12.92 46.20 22.89
C ALA A 132 -14.44 46.24 22.77
N PRO A 133 -15.16 45.94 23.85
CA PRO A 133 -16.62 45.92 23.79
C PRO A 133 -17.24 47.30 24.03
N SER A 134 -18.26 47.61 23.24
CA SER A 134 -19.08 48.80 23.45
C SER A 134 -20.23 48.83 22.46
N GLY A 140 -27.47 46.23 30.27
CA GLY A 140 -26.65 46.17 29.07
C GLY A 140 -26.98 44.97 28.20
N GLY A 141 -27.21 43.83 28.83
CA GLY A 141 -27.51 42.60 28.11
C GLY A 141 -26.26 41.77 27.87
N THR A 142 -25.95 41.52 26.61
CA THR A 142 -24.78 40.76 26.21
C THR A 142 -23.88 41.64 25.34
N ALA A 143 -22.57 41.52 25.53
CA ALA A 143 -21.60 42.32 24.81
C ALA A 143 -20.69 41.42 23.98
N ALA A 144 -20.10 42.00 22.96
CA ALA A 144 -19.17 41.29 22.08
C ALA A 144 -17.77 41.87 22.23
N LEU A 145 -16.77 41.00 22.20
CA LEU A 145 -15.38 41.41 22.26
C LEU A 145 -14.54 40.31 21.64
N GLY A 146 -13.31 40.65 21.29
CA GLY A 146 -12.44 39.68 20.66
C GLY A 146 -11.02 40.19 20.53
N CYS A 147 -10.28 39.52 19.65
CA CYS A 147 -8.90 39.91 19.33
C CYS A 147 -8.69 39.86 17.83
N LEU A 148 -7.78 40.70 17.36
CA LEU A 148 -7.40 40.76 15.96
C LEU A 148 -5.96 40.27 15.83
N VAL A 149 -5.79 39.16 15.13
CA VAL A 149 -4.46 38.57 14.92
C VAL A 149 -4.07 38.93 13.49
N LYS A 150 -3.34 40.03 13.35
CA LYS A 150 -3.05 40.61 12.04
C LYS A 150 -1.59 40.43 11.68
N ASP A 151 -1.34 40.12 10.40
CA ASP A 151 0.00 40.10 9.83
C ASP A 151 0.88 39.00 10.42
N TYR A 152 0.71 37.76 9.96
CA TYR A 152 1.60 36.68 10.31
C TYR A 152 1.78 35.75 9.12
N PHE A 153 2.86 34.98 9.16
CA PHE A 153 3.12 34.03 8.09
C PHE A 153 4.08 32.98 8.62
N PRO A 154 3.89 31.68 8.31
CA PRO A 154 2.77 31.11 7.57
C PRO A 154 1.60 30.78 8.47
N GLU A 155 0.60 30.10 7.95
CA GLU A 155 -0.46 29.55 8.78
C GLU A 155 0.06 28.31 9.51
N PRO A 156 -0.63 27.89 10.59
CA PRO A 156 -1.79 28.51 11.22
C PRO A 156 -1.45 29.24 12.50
N VAL A 157 -2.47 29.79 13.16
CA VAL A 157 -2.36 30.24 14.53
C VAL A 157 -3.53 29.64 15.30
N THR A 158 -3.28 29.30 16.55
CA THR A 158 -4.31 28.81 17.45
C THR A 158 -4.68 29.91 18.44
N VAL A 159 -5.95 29.93 18.84
CA VAL A 159 -6.46 30.94 19.76
C VAL A 159 -7.30 30.26 20.83
N SER A 160 -7.09 30.67 22.09
CA SER A 160 -7.93 30.26 23.20
C SER A 160 -8.18 31.47 24.09
N TRP A 161 -9.18 31.34 24.95
CA TRP A 161 -9.58 32.43 25.84
C TRP A 161 -9.43 32.00 27.29
N ASN A 162 -8.80 32.85 28.09
CA ASN A 162 -8.60 32.58 29.51
C ASN A 162 -7.99 31.20 29.72
N SER A 163 -7.04 30.85 28.85
CA SER A 163 -6.29 29.60 28.96
C SER A 163 -7.20 28.38 28.84
N GLY A 164 -8.25 28.48 28.03
CA GLY A 164 -9.18 27.40 27.84
C GLY A 164 -10.41 27.43 28.73
N ALA A 165 -10.39 28.25 29.79
CA ALA A 165 -11.54 28.30 30.70
C ALA A 165 -12.77 28.90 30.05
N LEU A 166 -12.62 29.64 28.96
CA LEU A 166 -13.74 30.23 28.24
C LEU A 166 -13.85 29.59 26.86
N THR A 167 -14.96 28.88 26.62
CA THR A 167 -15.20 28.27 25.31
C THR A 167 -16.62 28.47 24.81
N SER A 168 -17.58 28.81 25.67
CA SER A 168 -18.95 29.03 25.23
C SER A 168 -19.08 30.39 24.56
N GLY A 169 -19.59 30.40 23.33
CA GLY A 169 -19.80 31.62 22.59
C GLY A 169 -18.62 32.10 21.78
N VAL A 170 -17.52 31.36 21.76
CA VAL A 170 -16.33 31.79 21.05
C VAL A 170 -16.48 31.47 19.57
N HIS A 171 -15.94 32.35 18.72
CA HIS A 171 -15.88 32.13 17.28
C HIS A 171 -14.51 32.64 16.80
N THR A 172 -13.65 31.72 16.37
CA THR A 172 -12.37 32.08 15.76
C THR A 172 -12.49 31.86 14.26
N PHE A 173 -12.48 32.95 13.50
CA PHE A 173 -12.76 32.89 12.08
C PHE A 173 -11.57 32.35 11.30
N PRO A 174 -11.81 31.71 10.15
CA PRO A 174 -10.70 31.30 9.29
C PRO A 174 -9.83 32.49 8.92
N ALA A 175 -8.55 32.24 8.77
CA ALA A 175 -7.61 33.28 8.40
C ALA A 175 -7.76 33.62 6.92
N VAL A 176 -7.66 34.91 6.62
CA VAL A 176 -7.71 35.40 5.24
C VAL A 176 -6.32 35.86 4.84
N LEU A 177 -6.01 35.73 3.55
CA LEU A 177 -4.76 36.22 3.00
C LEU A 177 -4.96 37.67 2.58
N GLN A 178 -4.28 38.59 3.27
CA GLN A 178 -4.40 39.99 2.94
C GLN A 178 -3.64 40.31 1.65
N SER A 179 -3.92 41.49 1.09
CA SER A 179 -3.20 41.94 -0.09
C SER A 179 -1.72 42.11 0.16
N SER A 180 -1.29 42.12 1.42
CA SER A 180 0.12 42.27 1.76
C SER A 180 0.91 40.98 1.63
N GLY A 181 0.23 39.85 1.42
CA GLY A 181 0.87 38.56 1.47
C GLY A 181 0.88 37.92 2.83
N LEU A 182 0.30 38.57 3.84
CA LEU A 182 0.26 38.08 5.20
C LEU A 182 -1.16 37.67 5.57
N TYR A 183 -1.26 36.71 6.47
CA TYR A 183 -2.56 36.24 6.93
C TYR A 183 -3.04 37.06 8.11
N SER A 184 -4.35 36.97 8.37
CA SER A 184 -4.99 37.71 9.44
C SER A 184 -6.29 37.02 9.78
N LEU A 185 -6.61 36.95 11.08
CA LEU A 185 -7.88 36.40 11.53
C LEU A 185 -8.33 37.17 12.77
N SER A 186 -9.53 36.82 13.24
CA SER A 186 -10.10 37.42 14.43
C SER A 186 -10.79 36.33 15.24
N SER A 187 -10.63 36.39 16.56
CA SER A 187 -11.34 35.53 17.48
C SER A 187 -12.26 36.40 18.33
N VAL A 188 -13.51 35.96 18.50
CA VAL A 188 -14.52 36.77 19.15
C VAL A 188 -15.36 35.87 20.07
N VAL A 189 -15.96 36.50 21.08
CA VAL A 189 -16.82 35.79 22.02
C VAL A 189 -17.88 36.77 22.54
N THR A 190 -19.09 36.27 22.72
CA THR A 190 -20.16 37.05 23.33
C THR A 190 -20.21 36.76 24.83
N VAL A 191 -20.34 37.82 25.62
CA VAL A 191 -20.32 37.69 27.08
C VAL A 191 -21.40 38.59 27.67
N PRO A 192 -21.84 38.29 28.89
CA PRO A 192 -22.80 39.18 29.57
C PRO A 192 -22.13 40.51 29.89
N SER A 193 -22.69 41.59 29.36
CA SER A 193 -22.14 42.92 29.61
C SER A 193 -21.95 43.17 31.10
N SER A 194 -22.78 42.54 31.94
CA SER A 194 -22.65 42.71 33.38
C SER A 194 -21.33 42.18 33.92
N SER A 195 -20.64 41.33 33.17
CA SER A 195 -19.39 40.75 33.63
C SER A 195 -18.17 41.56 33.20
N LEU A 196 -18.33 42.55 32.33
CA LEU A 196 -17.18 43.30 31.82
C LEU A 196 -16.39 43.93 32.95
N GLY A 197 -17.09 44.59 33.88
CA GLY A 197 -16.40 45.25 34.97
C GLY A 197 -15.71 44.27 35.90
N THR A 198 -16.36 43.12 36.16
CA THR A 198 -15.80 42.13 37.07
C THR A 198 -14.70 41.31 36.41
N GLN A 199 -15.08 40.46 35.46
CA GLN A 199 -14.16 39.49 34.91
C GLN A 199 -13.13 40.14 34.00
N THR A 200 -11.96 39.51 33.91
CA THR A 200 -10.90 39.90 32.98
C THR A 200 -10.82 38.85 31.88
N TYR A 201 -10.74 39.30 30.63
CA TYR A 201 -10.72 38.41 29.47
C TYR A 201 -9.37 38.54 28.77
N ILE A 202 -8.79 37.39 28.42
CA ILE A 202 -7.45 37.35 27.85
C ILE A 202 -7.47 36.47 26.60
N CYS A 203 -6.91 36.98 25.51
CA CYS A 203 -6.67 36.19 24.32
C CYS A 203 -5.36 35.44 24.47
N ASN A 204 -5.34 34.19 23.99
CA ASN A 204 -4.14 33.37 23.98
C ASN A 204 -3.85 33.03 22.52
N VAL A 205 -2.86 33.70 21.93
CA VAL A 205 -2.52 33.53 20.53
C VAL A 205 -1.16 32.83 20.46
N ASN A 206 -1.12 31.70 19.75
CA ASN A 206 0.12 30.94 19.58
C ASN A 206 0.38 30.74 18.10
N HIS A 207 1.55 31.17 17.64
CA HIS A 207 1.99 30.98 16.26
C HIS A 207 3.32 30.22 16.33
N LYS A 208 3.23 28.89 16.26
CA LYS A 208 4.42 28.07 16.46
C LYS A 208 5.50 28.32 15.41
N PRO A 209 5.19 28.53 14.13
CA PRO A 209 6.27 28.73 13.14
C PRO A 209 7.19 29.88 13.47
N SER A 210 6.70 30.91 14.15
CA SER A 210 7.53 32.02 14.60
C SER A 210 7.87 31.91 16.08
N ASN A 211 7.52 30.80 16.73
CA ASN A 211 7.73 30.62 18.16
C ASN A 211 7.17 31.81 18.94
N THR A 212 6.00 32.27 18.50
CA THR A 212 5.32 33.41 19.10
C THR A 212 4.11 32.94 19.90
N LYS A 213 4.05 33.35 21.17
CA LYS A 213 2.88 33.13 22.00
C LYS A 213 2.59 34.42 22.74
N VAL A 214 1.42 35.00 22.50
CA VAL A 214 1.05 36.30 23.05
C VAL A 214 -0.22 36.15 23.88
N ASP A 215 -0.29 36.94 24.96
CA ASP A 215 -1.50 37.06 25.77
C ASP A 215 -1.83 38.52 25.91
N LYS A 216 -3.08 38.89 25.60
CA LYS A 216 -3.51 40.29 25.63
C LYS A 216 -4.81 40.40 26.41
N ARG A 217 -4.80 41.23 27.46
CA ARG A 217 -5.97 41.48 28.27
C ARG A 217 -6.88 42.47 27.53
N VAL A 218 -8.06 42.01 27.13
CA VAL A 218 -9.01 42.84 26.40
C VAL A 218 -9.83 43.62 27.42
N GLU A 219 -9.84 44.94 27.30
CA GLU A 219 -10.51 45.83 28.23
C GLU A 219 -11.37 46.84 27.48
N PRO A 220 -12.43 47.36 28.11
CA PRO A 220 -13.16 48.47 27.51
C PRO A 220 -12.26 49.69 27.30
N ASP B 1 -6.57 1.90 -12.29
CA ASP B 1 -6.93 2.44 -10.94
C ASP B 1 -8.43 2.40 -10.71
N ILE B 2 -8.83 2.34 -9.44
CA ILE B 2 -10.22 2.38 -9.05
C ILE B 2 -10.55 3.82 -8.66
N VAL B 3 -11.51 4.42 -9.36
CA VAL B 3 -11.96 5.77 -9.06
C VAL B 3 -13.28 5.68 -8.31
N MET B 4 -13.36 6.37 -7.17
CA MET B 4 -14.54 6.40 -6.33
C MET B 4 -15.33 7.67 -6.62
N THR B 5 -16.64 7.54 -6.75
CA THR B 5 -17.51 8.63 -7.16
C THR B 5 -18.56 8.88 -6.09
N GLN B 6 -18.72 10.14 -5.71
CA GLN B 6 -19.77 10.57 -4.78
C GLN B 6 -20.52 11.72 -5.42
N SER B 7 -21.83 11.54 -5.64
CA SER B 7 -22.67 12.56 -6.20
C SER B 7 -24.04 12.51 -5.52
N PRO B 8 -24.63 13.67 -5.16
CA PRO B 8 -24.05 15.02 -5.31
C PRO B 8 -22.96 15.31 -4.27
N SER B 9 -22.32 16.48 -4.41
CA SER B 9 -21.25 16.88 -3.50
C SER B 9 -21.76 17.62 -2.27
N SER B 10 -22.96 18.17 -2.33
CA SER B 10 -23.52 18.90 -1.20
C SER B 10 -24.98 18.53 -1.03
N LEU B 11 -25.42 18.43 0.22
CA LEU B 11 -26.80 18.14 0.55
C LEU B 11 -27.24 19.05 1.69
N SER B 12 -28.35 19.75 1.50
CA SER B 12 -28.96 20.55 2.55
C SER B 12 -30.19 19.80 3.08
N VAL B 13 -30.22 19.58 4.38
CA VAL B 13 -31.25 18.75 5.00
C VAL B 13 -31.56 19.30 6.38
N SER B 14 -32.84 19.21 6.77
CA SER B 14 -33.24 19.62 8.11
C SER B 14 -32.94 18.51 9.12
N ALA B 15 -32.81 18.91 10.38
CA ALA B 15 -32.56 17.95 11.45
C ALA B 15 -33.82 17.12 11.71
N GLY B 16 -33.66 15.80 11.64
CA GLY B 16 -34.76 14.87 11.76
C GLY B 16 -35.12 14.17 10.46
N GLU B 17 -34.64 14.68 9.33
CA GLU B 17 -34.88 14.06 8.04
C GLU B 17 -33.94 12.87 7.84
N ARG B 18 -34.19 12.13 6.77
CA ARG B 18 -33.38 10.97 6.41
C ARG B 18 -32.53 11.32 5.21
N VAL B 19 -31.23 11.02 5.28
CA VAL B 19 -30.28 11.38 4.24
C VAL B 19 -29.66 10.10 3.69
N THR B 20 -29.39 10.12 2.38
CA THR B 20 -28.80 8.98 1.69
C THR B 20 -27.65 9.49 0.83
N LEU B 21 -26.44 9.09 1.18
CA LEU B 21 -25.25 9.39 0.40
C LEU B 21 -24.88 8.19 -0.45
N SER B 22 -24.50 8.45 -1.70
CA SER B 22 -24.18 7.39 -2.65
C SER B 22 -22.68 7.36 -2.91
N CYS B 23 -22.18 6.15 -3.18
CA CYS B 23 -20.77 5.97 -3.53
C CYS B 23 -20.67 4.85 -4.57
N LYS B 24 -20.16 5.19 -5.74
CA LYS B 24 -19.93 4.23 -6.81
C LYS B 24 -18.46 3.87 -6.88
N SER B 25 -18.19 2.68 -7.42
CA SER B 25 -16.83 2.18 -7.59
C SER B 25 -16.66 1.63 -8.99
N SER B 26 -15.50 1.90 -9.59
CA SER B 26 -15.20 1.37 -10.92
C SER B 26 -15.26 -0.15 -10.90
N GLN B 27 -14.38 -0.78 -10.14
CA GLN B 27 -14.33 -2.23 -10.02
C GLN B 27 -14.92 -2.66 -8.69
N SER B 28 -15.30 -3.93 -8.61
CA SER B 28 -15.91 -4.46 -7.41
C SER B 28 -14.93 -4.40 -6.26
N LEU B 29 -15.40 -3.90 -5.11
CA LEU B 29 -14.61 -3.91 -3.88
C LEU B 29 -14.89 -5.13 -3.03
N LEU B 30 -15.64 -6.09 -3.55
CA LEU B 30 -15.94 -7.32 -2.83
C LEU B 30 -14.83 -8.33 -3.06
N ASN B 31 -14.31 -8.89 -1.98
CA ASN B 31 -13.28 -9.92 -2.02
C ASN B 31 -13.97 -11.27 -1.85
N SER B 32 -14.01 -12.05 -2.92
CA SER B 32 -14.78 -13.29 -2.91
C SER B 32 -14.22 -14.30 -1.92
N GLY B 33 -12.91 -14.25 -1.65
CA GLY B 33 -12.32 -15.21 -0.75
C GLY B 33 -12.89 -15.13 0.66
N ASN B 34 -13.09 -13.90 1.16
CA ASN B 34 -13.63 -13.69 2.49
C ASN B 34 -14.94 -12.92 2.48
N GLN B 35 -15.41 -12.47 1.32
CA GLN B 35 -16.74 -11.86 1.19
C GLN B 35 -16.87 -10.58 2.02
N LYS B 36 -15.78 -9.83 2.15
CA LYS B 36 -15.82 -8.50 2.76
C LYS B 36 -15.77 -7.45 1.66
N ASN B 37 -16.67 -6.48 1.74
CA ASN B 37 -16.61 -5.30 0.87
C ASN B 37 -15.57 -4.37 1.46
N TYR B 38 -14.40 -4.33 0.83
CA TYR B 38 -13.32 -3.48 1.34
C TYR B 38 -13.64 -2.02 1.05
N LEU B 39 -14.60 -1.49 1.78
CA LEU B 39 -15.08 -0.12 1.66
C LEU B 39 -15.16 0.51 3.04
N ALA B 40 -14.83 1.79 3.12
CA ALA B 40 -14.89 2.53 4.37
C ALA B 40 -15.54 3.88 4.14
N TRP B 41 -16.34 4.32 5.11
CA TRP B 41 -16.90 5.66 5.14
C TRP B 41 -16.21 6.47 6.22
N TYR B 42 -15.94 7.75 5.93
CA TYR B 42 -15.28 8.63 6.87
C TYR B 42 -16.11 9.88 7.09
N GLN B 43 -16.12 10.34 8.34
CA GLN B 43 -16.75 11.59 8.74
C GLN B 43 -15.65 12.56 9.17
N GLN B 44 -15.55 13.69 8.47
CA GLN B 44 -14.58 14.73 8.78
C GLN B 44 -15.33 16.00 9.16
N LYS B 45 -15.29 16.33 10.45
CA LYS B 45 -15.89 17.56 10.92
C LYS B 45 -14.90 18.71 10.81
N PRO B 46 -15.38 19.95 10.78
CA PRO B 46 -14.47 21.09 10.62
C PRO B 46 -13.33 21.07 11.62
N GLY B 47 -12.12 21.27 11.13
CA GLY B 47 -10.95 21.35 11.98
C GLY B 47 -10.47 20.04 12.57
N GLN B 48 -10.93 18.92 12.05
CA GLN B 48 -10.55 17.61 12.56
C GLN B 48 -10.11 16.71 11.41
N PRO B 49 -9.34 15.67 11.70
CA PRO B 49 -9.01 14.68 10.67
C PRO B 49 -10.22 13.81 10.38
N PRO B 50 -10.23 13.11 9.24
CA PRO B 50 -11.32 12.18 8.98
C PRO B 50 -11.44 11.14 10.08
N LYS B 51 -12.68 10.83 10.45
CA LYS B 51 -12.98 9.80 11.44
C LYS B 51 -13.65 8.63 10.76
N LEU B 52 -13.19 7.43 11.08
CA LEU B 52 -13.74 6.21 10.49
C LEU B 52 -15.13 5.94 11.07
N LEU B 53 -16.16 6.05 10.23
CA LEU B 53 -17.54 5.82 10.63
C LEU B 53 -17.95 4.37 10.39
N ILE B 54 -17.96 3.95 9.13
CA ILE B 54 -18.37 2.61 8.73
C ILE B 54 -17.17 1.91 8.11
N TYR B 55 -16.97 0.65 8.46
CA TYR B 55 -15.98 -0.19 7.80
C TYR B 55 -16.64 -1.50 7.41
N GLY B 56 -16.05 -2.17 6.43
CA GLY B 56 -16.69 -3.35 5.86
C GLY B 56 -18.01 -3.06 5.19
N ALA B 57 -18.24 -1.81 4.79
CA ALA B 57 -19.41 -1.39 4.05
C ALA B 57 -20.67 -1.33 4.91
N SER B 58 -20.67 -1.96 6.08
CA SER B 58 -21.88 -2.04 6.88
C SER B 58 -21.62 -2.02 8.39
N THR B 59 -20.39 -2.26 8.80
CA THR B 59 -20.06 -2.31 10.23
C THR B 59 -19.70 -0.91 10.72
N ARG B 60 -20.29 -0.53 11.85
CA ARG B 60 -20.06 0.78 12.44
C ARG B 60 -18.88 0.74 13.41
N GLU B 61 -18.13 1.84 13.44
CA GLU B 61 -17.01 1.94 14.37
C GLU B 61 -17.55 2.10 15.79
N SER B 62 -16.67 1.82 16.76
CA SER B 62 -17.04 1.93 18.16
C SER B 62 -17.50 3.35 18.49
N GLY B 63 -18.65 3.47 19.14
CA GLY B 63 -19.18 4.75 19.55
C GLY B 63 -20.09 5.42 18.54
N VAL B 64 -20.07 4.98 17.29
CA VAL B 64 -20.91 5.62 16.27
C VAL B 64 -22.38 5.45 16.63
N PRO B 65 -23.20 6.50 16.56
CA PRO B 65 -24.61 6.35 16.93
C PRO B 65 -25.33 5.33 16.05
N ASP B 66 -26.52 4.94 16.52
CA ASP B 66 -27.33 3.96 15.82
C ASP B 66 -27.97 4.51 14.56
N ARG B 67 -27.97 5.83 14.37
CA ARG B 67 -28.63 6.44 13.22
C ARG B 67 -27.78 6.38 11.95
N PHE B 68 -26.52 5.98 12.04
CA PHE B 68 -25.67 5.80 10.87
C PHE B 68 -25.66 4.34 10.47
N THR B 69 -25.92 4.08 9.18
CA THR B 69 -25.94 2.71 8.69
C THR B 69 -25.46 2.69 7.25
N GLY B 70 -24.62 1.71 6.94
CA GLY B 70 -24.08 1.54 5.61
C GLY B 70 -24.61 0.26 4.98
N SER B 71 -24.64 0.24 3.65
CA SER B 71 -25.10 -0.93 2.91
C SER B 71 -24.47 -0.88 1.52
N GLY B 72 -24.87 -1.83 0.68
CA GLY B 72 -24.34 -1.95 -0.66
C GLY B 72 -23.32 -3.06 -0.78
N SER B 73 -22.95 -3.35 -2.01
CA SER B 73 -21.99 -4.41 -2.31
C SER B 73 -21.41 -4.16 -3.69
N GLY B 74 -20.23 -4.73 -3.93
CA GLY B 74 -19.60 -4.66 -5.24
C GLY B 74 -19.19 -3.26 -5.64
N THR B 75 -20.04 -2.58 -6.41
CA THR B 75 -19.73 -1.25 -6.93
C THR B 75 -20.62 -0.14 -6.40
N ASP B 76 -21.81 -0.45 -5.88
CA ASP B 76 -22.74 0.55 -5.39
C ASP B 76 -22.83 0.45 -3.88
N PHE B 77 -22.58 1.58 -3.19
CA PHE B 77 -22.62 1.64 -1.75
C PHE B 77 -23.39 2.88 -1.32
N THR B 78 -24.02 2.81 -0.14
CA THR B 78 -24.83 3.89 0.37
C THR B 78 -24.64 4.03 1.88
N LEU B 79 -24.57 5.28 2.34
CA LEU B 79 -24.55 5.61 3.77
C LEU B 79 -25.84 6.34 4.10
N THR B 80 -26.59 5.81 5.05
CA THR B 80 -27.88 6.35 5.42
C THR B 80 -27.82 6.97 6.81
N ILE B 81 -28.47 8.11 6.97
CA ILE B 81 -28.57 8.79 8.26
C ILE B 81 -30.06 9.01 8.51
N SER B 82 -30.65 8.21 9.39
CA SER B 82 -32.03 8.41 9.81
C SER B 82 -32.07 9.44 10.93
N SER B 83 -32.92 10.45 10.77
CA SER B 83 -32.99 11.54 11.75
C SER B 83 -31.63 12.20 11.90
N VAL B 84 -31.35 13.17 11.04
CA VAL B 84 -30.06 13.87 11.09
C VAL B 84 -30.04 14.82 12.28
N GLN B 85 -28.87 14.97 12.88
CA GLN B 85 -28.66 15.87 14.01
C GLN B 85 -27.71 17.00 13.59
N ALA B 86 -27.70 18.06 14.40
CA ALA B 86 -26.82 19.19 14.11
C ALA B 86 -25.35 18.76 14.13
N GLU B 87 -24.98 17.91 15.09
CA GLU B 87 -23.59 17.47 15.18
C GLU B 87 -23.16 16.68 13.95
N ASP B 88 -24.11 16.12 13.21
CA ASP B 88 -23.78 15.33 12.01
C ASP B 88 -23.19 16.17 10.90
N LEU B 89 -23.15 17.49 11.06
CA LEU B 89 -22.50 18.38 10.09
C LEU B 89 -21.08 17.92 9.82
N ALA B 90 -20.81 17.58 8.56
CA ALA B 90 -19.46 17.18 8.17
C ALA B 90 -19.39 16.88 6.67
N VAL B 91 -18.22 16.49 6.20
CA VAL B 91 -18.01 15.98 4.86
C VAL B 91 -17.73 14.48 4.96
N TYR B 92 -18.47 13.69 4.21
CA TYR B 92 -18.37 12.23 4.29
C TYR B 92 -17.63 11.72 3.06
N TYR B 93 -16.66 10.84 3.29
CA TYR B 93 -15.78 10.36 2.24
C TYR B 93 -15.92 8.85 2.06
N CYS B 94 -15.81 8.42 0.81
CA CYS B 94 -15.73 7.02 0.43
C CYS B 94 -14.27 6.65 0.23
N GLN B 95 -13.93 5.39 0.48
CA GLN B 95 -12.55 4.94 0.37
C GLN B 95 -12.47 3.52 -0.15
N ASN B 96 -11.75 3.34 -1.26
CA ASN B 96 -11.48 2.01 -1.79
C ASN B 96 -10.29 1.43 -1.02
N ASP B 97 -10.55 0.36 -0.26
CA ASP B 97 -9.53 -0.30 0.54
C ASP B 97 -9.18 -1.69 0.01
N GLU B 98 -9.48 -1.94 -1.26
CA GLU B 98 -9.37 -3.27 -1.86
C GLU B 98 -7.98 -3.54 -2.43
N SER B 99 -7.35 -2.54 -3.05
CA SER B 99 -6.06 -2.77 -3.70
C SER B 99 -5.42 -1.42 -3.98
N TYR B 100 -4.09 -1.42 -4.08
CA TYR B 100 -3.35 -0.20 -4.35
C TYR B 100 -3.63 0.28 -5.77
N PRO B 101 -3.67 1.61 -6.01
CA PRO B 101 -3.58 2.66 -4.99
C PRO B 101 -4.93 2.89 -4.30
N TYR B 102 -4.92 3.02 -2.98
CA TYR B 102 -6.15 3.33 -2.27
C TYR B 102 -6.63 4.72 -2.68
N THR B 103 -7.92 4.82 -3.01
CA THR B 103 -8.49 6.06 -3.53
C THR B 103 -9.71 6.44 -2.72
N PHE B 104 -9.99 7.74 -2.70
CA PHE B 104 -11.14 8.30 -2.00
C PHE B 104 -12.13 8.86 -3.00
N GLY B 105 -13.40 8.88 -2.61
CA GLY B 105 -14.39 9.61 -3.35
C GLY B 105 -14.21 11.10 -3.17
N GLY B 106 -14.94 11.87 -3.98
CA GLY B 106 -14.86 13.32 -3.87
C GLY B 106 -15.42 13.87 -2.58
N GLY B 107 -16.25 13.10 -1.88
CA GLY B 107 -16.82 13.56 -0.63
C GLY B 107 -18.13 14.30 -0.83
N THR B 108 -18.99 14.22 0.18
CA THR B 108 -20.28 14.90 0.16
C THR B 108 -20.40 15.75 1.42
N LYS B 109 -20.45 17.07 1.25
CA LYS B 109 -20.68 17.97 2.38
C LYS B 109 -22.14 17.90 2.81
N LEU B 110 -22.37 17.79 4.10
CA LEU B 110 -23.73 17.74 4.64
C LEU B 110 -24.02 19.05 5.36
N GLU B 111 -24.87 19.87 4.75
CA GLU B 111 -25.34 21.10 5.33
C GLU B 111 -26.64 20.86 6.08
N ILE B 112 -26.86 21.66 7.12
CA ILE B 112 -28.04 21.51 7.98
C ILE B 112 -28.98 22.67 7.69
N LYS B 113 -30.15 22.35 7.14
CA LYS B 113 -31.19 23.35 6.98
C LYS B 113 -31.77 23.71 8.34
N ARG B 114 -32.15 24.99 8.48
CA ARG B 114 -32.56 25.52 9.76
C ARG B 114 -33.52 26.68 9.53
N THR B 115 -34.36 26.95 10.53
CA THR B 115 -35.20 28.13 10.45
C THR B 115 -34.34 29.39 10.38
N VAL B 116 -34.87 30.40 9.69
CA VAL B 116 -34.12 31.64 9.50
C VAL B 116 -33.71 32.21 10.86
N ALA B 117 -32.54 32.83 10.90
CA ALA B 117 -32.03 33.49 12.09
C ALA B 117 -31.32 34.77 11.67
N ALA B 118 -31.82 35.91 12.13
CA ALA B 118 -31.18 37.17 11.82
C ALA B 118 -29.87 37.30 12.58
N PRO B 119 -28.86 37.94 11.99
CA PRO B 119 -27.58 38.11 12.69
C PRO B 119 -27.66 39.17 13.77
N SER B 120 -26.77 39.04 14.75
CA SER B 120 -26.51 40.08 15.73
C SER B 120 -25.27 40.84 15.28
N VAL B 121 -25.45 42.09 14.89
CA VAL B 121 -24.38 42.87 14.25
C VAL B 121 -23.65 43.69 15.30
N PHE B 122 -22.33 43.75 15.15
CA PHE B 122 -21.47 44.54 16.03
C PHE B 122 -20.41 45.22 15.18
N ILE B 123 -19.83 46.29 15.72
CA ILE B 123 -18.74 47.00 15.05
C ILE B 123 -17.67 47.32 16.10
N PHE B 124 -16.42 47.34 15.65
CA PHE B 124 -15.28 47.57 16.53
C PHE B 124 -14.37 48.61 15.88
N PRO B 125 -14.18 49.78 16.48
CA PRO B 125 -13.22 50.74 15.93
C PRO B 125 -11.81 50.23 16.09
N PRO B 126 -10.85 50.78 15.34
CA PRO B 126 -9.46 50.36 15.49
C PRO B 126 -8.92 50.76 16.85
N SER B 127 -8.13 49.87 17.44
CA SER B 127 -7.49 50.16 18.71
C SER B 127 -6.40 51.21 18.53
N ASP B 128 -6.13 51.97 19.59
CA ASP B 128 -5.05 52.94 19.55
C ASP B 128 -3.70 52.26 19.42
N GLU B 129 -3.55 51.06 19.97
CA GLU B 129 -2.29 50.33 19.85
C GLU B 129 -1.97 50.04 18.39
N GLN B 130 -2.99 49.76 17.58
CA GLN B 130 -2.75 49.52 16.17
C GLN B 130 -2.44 50.83 15.43
N LEU B 131 -3.19 51.89 15.73
CA LEU B 131 -3.04 53.13 14.97
C LEU B 131 -1.60 53.64 15.03
N LYS B 132 -0.94 53.54 16.18
CA LYS B 132 0.42 54.06 16.29
C LYS B 132 1.37 53.38 15.30
N SER B 133 1.00 52.22 14.78
CA SER B 133 1.85 51.53 13.81
C SER B 133 1.65 52.04 12.39
N GLY B 134 0.53 52.67 12.09
CA GLY B 134 0.28 53.26 10.79
C GLY B 134 -0.79 52.59 9.94
N THR B 135 -1.70 51.84 10.55
CA THR B 135 -2.76 51.16 9.82
C THR B 135 -3.97 51.05 10.72
N ALA B 136 -5.16 51.02 10.12
CA ALA B 136 -6.41 50.97 10.87
C ALA B 136 -7.30 49.87 10.32
N SER B 137 -7.74 48.97 11.20
CA SER B 137 -8.62 47.88 10.84
C SER B 137 -9.96 48.07 11.54
N VAL B 138 -11.01 48.26 10.76
CA VAL B 138 -12.38 48.32 11.27
C VAL B 138 -13.01 46.96 11.05
N VAL B 139 -13.61 46.39 12.08
CA VAL B 139 -14.16 45.05 12.03
C VAL B 139 -15.67 45.12 12.23
N CYS B 140 -16.39 44.31 11.49
CA CYS B 140 -17.84 44.18 11.61
C CYS B 140 -18.18 42.71 11.81
N LEU B 141 -18.99 42.42 12.83
CA LEU B 141 -19.29 41.05 13.22
C LEU B 141 -20.77 40.75 12.98
N LEU B 142 -21.03 39.66 12.29
CA LEU B 142 -22.37 39.09 12.19
C LEU B 142 -22.34 37.75 12.92
N ASN B 143 -23.16 37.62 13.96
CA ASN B 143 -23.09 36.50 14.88
C ASN B 143 -24.34 35.64 14.78
N ASN B 144 -24.14 34.34 14.58
CA ASN B 144 -25.20 33.35 14.65
C ASN B 144 -26.38 33.70 13.74
N PHE B 145 -26.24 33.42 12.45
CA PHE B 145 -27.29 33.69 11.48
C PHE B 145 -27.41 32.52 10.50
N TYR B 146 -28.59 32.42 9.89
CA TYR B 146 -28.86 31.43 8.86
C TYR B 146 -29.96 32.01 7.98
N PRO B 147 -29.86 31.88 6.65
CA PRO B 147 -28.86 31.14 5.86
C PRO B 147 -27.49 31.83 5.77
N ARG B 148 -26.59 31.20 5.00
CA ARG B 148 -25.22 31.68 4.90
C ARG B 148 -25.12 32.95 4.07
N GLU B 149 -26.05 33.16 3.13
CA GLU B 149 -25.97 34.32 2.25
C GLU B 149 -26.23 35.60 3.02
N ALA B 150 -25.30 36.55 2.92
CA ALA B 150 -25.41 37.82 3.60
C ALA B 150 -24.54 38.84 2.88
N LYS B 151 -25.07 40.05 2.74
CA LYS B 151 -24.37 41.15 2.09
C LYS B 151 -23.94 42.15 3.16
N VAL B 152 -22.66 42.49 3.17
CA VAL B 152 -22.13 43.50 4.07
C VAL B 152 -21.50 44.60 3.22
N GLN B 153 -21.73 45.85 3.62
CA GLN B 153 -21.21 47.00 2.89
C GLN B 153 -20.67 48.02 3.88
N TRP B 154 -19.46 48.51 3.61
CA TRP B 154 -18.87 49.57 4.39
C TRP B 154 -19.17 50.93 3.77
N LYS B 155 -19.50 51.89 4.63
CA LYS B 155 -19.69 53.27 4.20
C LYS B 155 -18.87 54.17 5.12
N VAL B 156 -18.06 55.03 4.53
CA VAL B 156 -17.23 55.97 5.27
C VAL B 156 -17.71 57.37 4.90
N ASP B 157 -18.29 58.08 5.87
CA ASP B 157 -18.91 59.37 5.63
C ASP B 157 -19.91 59.28 4.48
N ASN B 158 -20.68 58.19 4.48
CA ASN B 158 -21.77 57.92 3.55
C ASN B 158 -21.28 57.38 2.21
N ALA B 159 -19.97 57.20 2.03
CA ALA B 159 -19.41 56.78 0.75
C ALA B 159 -19.19 55.26 0.76
N LEU B 160 -19.77 54.57 -0.20
CA LEU B 160 -19.67 53.12 -0.27
C LEU B 160 -18.24 52.70 -0.63
N GLN B 161 -17.74 51.68 0.06
CA GLN B 161 -16.39 51.18 -0.13
C GLN B 161 -16.42 49.94 -1.02
N SER B 162 -15.41 49.80 -1.87
CA SER B 162 -15.30 48.63 -2.73
C SER B 162 -13.84 48.23 -2.83
N GLY B 163 -13.56 46.95 -2.54
CA GLY B 163 -12.24 46.40 -2.76
C GLY B 163 -11.23 46.71 -1.68
N ASN B 164 -11.66 46.89 -0.44
CA ASN B 164 -10.73 47.08 0.68
C ASN B 164 -11.17 46.32 1.91
N SER B 165 -12.22 45.51 1.82
CA SER B 165 -12.69 44.69 2.92
C SER B 165 -12.58 43.22 2.54
N GLN B 166 -12.32 42.37 3.53
CA GLN B 166 -12.20 40.93 3.33
C GLN B 166 -13.08 40.22 4.34
N GLU B 167 -13.96 39.35 3.85
CA GLU B 167 -14.85 38.59 4.70
C GLU B 167 -14.24 37.24 5.06
N SER B 168 -14.66 36.70 6.19
CA SER B 168 -14.40 35.31 6.54
C SER B 168 -15.64 34.75 7.23
N VAL B 169 -15.99 33.53 6.90
CA VAL B 169 -17.18 32.87 7.43
C VAL B 169 -16.75 31.63 8.20
N THR B 170 -17.46 31.35 9.29
CA THR B 170 -17.25 30.11 10.02
C THR B 170 -18.16 29.03 9.46
N GLU B 171 -17.70 27.79 9.53
CA GLU B 171 -18.56 26.66 9.19
C GLU B 171 -19.66 26.56 10.24
N GLN B 172 -20.88 26.29 9.79
CA GLN B 172 -22.04 26.41 10.67
C GLN B 172 -21.81 25.65 11.98
N ASP B 173 -22.33 26.22 13.06
CA ASP B 173 -22.06 25.69 14.39
C ASP B 173 -22.73 24.34 14.57
N SER B 174 -22.05 23.45 15.31
CA SER B 174 -22.52 22.08 15.48
C SER B 174 -23.76 21.97 16.36
N LYS B 175 -24.11 23.01 17.11
CA LYS B 175 -25.25 22.94 18.01
C LYS B 175 -26.46 23.63 17.41
N ASP B 176 -26.39 24.94 17.22
CA ASP B 176 -27.53 25.70 16.71
C ASP B 176 -27.53 25.83 15.18
N SER B 177 -26.48 25.35 14.51
CA SER B 177 -26.44 25.33 13.05
C SER B 177 -26.52 26.73 12.45
N THR B 178 -25.94 27.71 13.14
CA THR B 178 -25.88 29.08 12.63
C THR B 178 -24.48 29.37 12.10
N TYR B 179 -24.37 30.47 11.36
CA TYR B 179 -23.12 30.95 10.81
C TYR B 179 -22.66 32.19 11.56
N SER B 180 -21.40 32.55 11.35
CA SER B 180 -20.84 33.80 11.86
C SER B 180 -19.90 34.35 10.81
N LEU B 181 -20.01 35.65 10.54
CA LEU B 181 -19.23 36.31 9.51
C LEU B 181 -18.54 37.53 10.10
N SER B 182 -17.35 37.82 9.59
CA SER B 182 -16.58 38.99 9.99
C SER B 182 -16.10 39.72 8.75
N SER B 183 -16.36 41.02 8.70
CA SER B 183 -15.85 41.88 7.63
C SER B 183 -14.86 42.87 8.22
N THR B 184 -13.71 43.03 7.56
CA THR B 184 -12.63 43.84 8.07
C THR B 184 -12.24 44.86 7.01
N LEU B 185 -12.38 46.15 7.35
CA LEU B 185 -11.99 47.25 6.48
C LEU B 185 -10.63 47.75 6.94
N THR B 186 -9.59 47.51 6.13
CA THR B 186 -8.24 47.94 6.45
C THR B 186 -7.94 49.25 5.72
N LEU B 187 -7.42 50.23 6.47
CA LEU B 187 -7.14 51.55 5.93
C LEU B 187 -5.78 52.01 6.41
N SER B 188 -5.29 53.08 5.78
CA SER B 188 -4.11 53.77 6.27
C SER B 188 -4.50 54.69 7.42
N LYS B 189 -3.61 54.80 8.41
CA LYS B 189 -3.87 55.69 9.55
C LYS B 189 -4.19 57.09 9.07
N ALA B 190 -3.46 57.57 8.06
CA ALA B 190 -3.72 58.90 7.52
C ALA B 190 -5.13 58.99 6.94
N ASP B 191 -5.50 58.04 6.09
CA ASP B 191 -6.84 58.06 5.49
C ASP B 191 -7.91 57.83 6.54
N TYR B 192 -7.63 56.97 7.52
CA TYR B 192 -8.62 56.70 8.56
C TYR B 192 -8.99 57.96 9.32
N GLU B 193 -7.99 58.79 9.65
CA GLU B 193 -8.25 60.00 10.44
C GLU B 193 -8.73 61.17 9.59
N LYS B 194 -8.96 60.96 8.29
CA LYS B 194 -9.55 61.98 7.44
C LYS B 194 -11.08 61.99 7.48
N HIS B 195 -11.69 60.98 8.08
CA HIS B 195 -13.14 60.85 8.08
C HIS B 195 -13.64 60.58 9.49
N LYS B 196 -14.95 60.80 9.69
CA LYS B 196 -15.58 60.71 10.99
C LYS B 196 -16.45 59.47 11.15
N VAL B 197 -17.37 59.24 10.20
CA VAL B 197 -18.39 58.20 10.34
C VAL B 197 -17.91 56.93 9.65
N TYR B 198 -18.05 55.81 10.36
CA TYR B 198 -17.78 54.49 9.80
C TYR B 198 -18.95 53.60 10.13
N ALA B 199 -19.57 53.02 9.10
CA ALA B 199 -20.79 52.25 9.26
C ALA B 199 -20.65 50.89 8.57
N CYS B 200 -21.42 49.93 9.05
CA CYS B 200 -21.45 48.57 8.50
C CYS B 200 -22.90 48.21 8.22
N GLU B 201 -23.28 48.15 6.95
CA GLU B 201 -24.64 47.86 6.55
C GLU B 201 -24.79 46.38 6.24
N VAL B 202 -25.75 45.73 6.89
CA VAL B 202 -25.98 44.29 6.77
C VAL B 202 -27.37 44.07 6.21
N THR B 203 -27.45 43.28 5.14
CA THR B 203 -28.72 42.84 4.58
C THR B 203 -28.77 41.32 4.65
N HIS B 204 -29.80 40.80 5.30
CA HIS B 204 -29.96 39.36 5.47
C HIS B 204 -31.43 39.03 5.45
N GLN B 205 -31.75 37.80 5.01
CA GLN B 205 -33.15 37.41 4.85
C GLN B 205 -33.94 37.57 6.14
N GLY B 206 -33.29 37.44 7.30
CA GLY B 206 -33.96 37.60 8.56
C GLY B 206 -34.18 39.01 9.01
N LEU B 207 -33.92 40.00 8.15
CA LEU B 207 -34.08 41.41 8.48
C LEU B 207 -35.11 42.02 7.54
N SER B 208 -36.18 42.60 8.10
CA SER B 208 -37.16 43.29 7.28
C SER B 208 -36.50 44.39 6.46
N SER B 209 -35.59 45.14 7.07
CA SER B 209 -34.82 46.16 6.38
C SER B 209 -33.39 46.09 6.89
N PRO B 210 -32.43 46.56 6.10
CA PRO B 210 -31.03 46.45 6.52
C PRO B 210 -30.79 47.10 7.88
N VAL B 211 -29.95 46.45 8.68
CA VAL B 211 -29.49 46.98 9.96
C VAL B 211 -28.12 47.59 9.73
N THR B 212 -27.75 48.57 10.56
CA THR B 212 -26.45 49.23 10.44
C THR B 212 -25.91 49.56 11.82
N LYS B 213 -24.63 49.25 12.03
CA LYS B 213 -23.90 49.68 13.20
C LYS B 213 -22.79 50.64 12.77
N SER B 214 -22.58 51.69 13.55
CA SER B 214 -21.62 52.72 13.16
C SER B 214 -21.03 53.35 14.41
N PHE B 215 -20.03 54.22 14.19
CA PHE B 215 -19.40 54.96 15.26
C PHE B 215 -18.74 56.20 14.67
N ASN B 216 -18.46 57.16 15.53
CA ASN B 216 -17.86 58.44 15.13
C ASN B 216 -16.53 58.59 15.87
N ARG B 217 -15.45 58.59 15.10
CA ARG B 217 -14.12 58.96 15.57
C ARG B 217 -13.10 58.74 14.46
N GLY B 218 -11.87 59.20 14.64
CA GLY B 218 -10.87 59.10 13.59
C GLY B 218 -11.04 60.19 12.55
N PCA C 1 -7.98 -42.48 5.82
CA PCA C 1 -6.71 -41.71 6.03
CB PCA C 1 -5.72 -41.98 4.91
CG PCA C 1 -6.39 -42.95 3.95
CD PCA C 1 -7.74 -43.19 4.56
OE PCA C 1 -8.55 -43.96 4.04
C PCA C 1 -6.96 -40.21 6.11
O PCA C 1 -7.97 -39.69 5.61
H PCA C 1 -7.80 -43.35 5.78
HA PCA C 1 -6.31 -42.00 6.88
HB2 PCA C 1 -5.47 -41.15 4.47
HB3 PCA C 1 -4.90 -42.39 5.28
HG2 PCA C 1 -6.46 -42.55 3.05
HG3 PCA C 1 -5.89 -43.79 3.89
N VAL C 2 -6.03 -39.50 6.74
CA VAL C 2 -6.13 -38.06 6.92
C VAL C 2 -6.08 -37.35 5.58
N GLN C 3 -6.97 -36.37 5.41
CA GLN C 3 -7.03 -35.56 4.21
C GLN C 3 -7.08 -34.09 4.60
N LEU C 4 -6.24 -33.28 3.96
CA LEU C 4 -6.23 -31.82 4.16
C LEU C 4 -6.42 -31.18 2.78
N VAL C 5 -7.65 -30.81 2.47
CA VAL C 5 -7.99 -30.26 1.17
C VAL C 5 -8.02 -28.74 1.28
N GLN C 6 -7.18 -28.09 0.47
CA GLN C 6 -7.06 -26.63 0.48
C GLN C 6 -7.81 -26.02 -0.70
N SER C 7 -7.99 -24.70 -0.62
CA SER C 7 -8.67 -23.96 -1.68
C SER C 7 -7.75 -23.82 -2.89
N GLY C 8 -8.28 -23.18 -3.93
CA GLY C 8 -7.59 -23.10 -5.21
C GLY C 8 -6.68 -21.89 -5.32
N ALA C 9 -5.89 -21.89 -6.39
CA ALA C 9 -4.93 -20.82 -6.62
C ALA C 9 -5.62 -19.48 -6.76
N GLU C 10 -5.05 -18.46 -6.13
CA GLU C 10 -5.56 -17.10 -6.19
C GLU C 10 -4.52 -16.18 -6.84
N VAL C 11 -5.02 -15.15 -7.50
CA VAL C 11 -4.18 -14.09 -8.06
C VAL C 11 -4.74 -12.77 -7.55
N LYS C 12 -3.96 -12.08 -6.72
CA LYS C 12 -4.39 -10.83 -6.10
C LYS C 12 -3.46 -9.70 -6.51
N LYS C 13 -3.99 -8.48 -6.39
CA LYS C 13 -3.18 -7.30 -6.63
C LYS C 13 -2.58 -6.78 -5.33
N PRO C 14 -1.46 -6.07 -5.40
CA PRO C 14 -0.87 -5.52 -4.16
C PRO C 14 -1.89 -4.73 -3.37
N GLY C 15 -1.84 -4.87 -2.05
CA GLY C 15 -2.76 -4.19 -1.17
C GLY C 15 -4.08 -4.90 -0.97
N ALA C 16 -4.26 -6.10 -1.51
CA ALA C 16 -5.49 -6.85 -1.37
C ALA C 16 -5.35 -7.85 -0.23
N SER C 17 -6.35 -8.72 -0.08
CA SER C 17 -6.36 -9.76 0.93
C SER C 17 -6.72 -11.09 0.30
N VAL C 18 -6.11 -12.15 0.81
CA VAL C 18 -6.37 -13.51 0.34
C VAL C 18 -6.74 -14.36 1.55
N LYS C 19 -7.63 -15.32 1.33
CA LYS C 19 -8.08 -16.23 2.38
C LYS C 19 -8.03 -17.66 1.84
N VAL C 20 -7.23 -18.50 2.48
CA VAL C 20 -7.03 -19.88 2.07
C VAL C 20 -7.72 -20.78 3.09
N SER C 21 -8.45 -21.78 2.61
CA SER C 21 -9.12 -22.73 3.47
C SER C 21 -8.37 -24.06 3.47
N CYS C 22 -8.64 -24.87 4.50
CA CYS C 22 -7.99 -26.17 4.66
C CYS C 22 -8.98 -27.08 5.39
N LYS C 23 -9.71 -27.88 4.62
CA LYS C 23 -10.72 -28.78 5.17
C LYS C 23 -10.08 -30.10 5.55
N ALA C 24 -10.29 -30.52 6.79
CA ALA C 24 -9.69 -31.75 7.31
C ALA C 24 -10.73 -32.85 7.39
N SER C 25 -10.26 -34.09 7.26
CA SER C 25 -11.11 -35.26 7.39
C SER C 25 -10.22 -36.45 7.70
N GLY C 26 -10.84 -37.50 8.24
CA GLY C 26 -10.12 -38.69 8.64
C GLY C 26 -9.68 -38.71 10.09
N TYR C 27 -9.92 -37.63 10.84
CA TYR C 27 -9.58 -37.57 12.25
C TYR C 27 -10.48 -36.54 12.91
N THR C 28 -10.24 -36.28 14.19
CA THR C 28 -11.00 -35.31 14.94
C THR C 28 -10.35 -33.94 14.79
N PHE C 29 -11.07 -33.00 14.17
CA PHE C 29 -10.49 -31.71 13.85
C PHE C 29 -10.02 -30.97 15.10
N THR C 30 -10.77 -31.09 16.20
CA THR C 30 -10.47 -30.36 17.42
C THR C 30 -9.40 -31.02 18.27
N GLY C 31 -8.93 -32.22 17.89
CA GLY C 31 -7.94 -32.92 18.69
C GLY C 31 -6.51 -32.49 18.45
N TYR C 32 -6.23 -31.84 17.32
CA TYR C 32 -4.87 -31.48 16.94
C TYR C 32 -4.84 -30.03 16.45
N TYR C 33 -3.71 -29.36 16.72
CA TYR C 33 -3.52 -28.02 16.21
C TYR C 33 -3.36 -28.05 14.70
N MET C 34 -3.55 -26.89 14.08
CA MET C 34 -3.36 -26.72 12.64
C MET C 34 -2.33 -25.64 12.42
N HIS C 35 -1.24 -25.99 11.71
CA HIS C 35 -0.18 -25.04 11.38
C HIS C 35 -0.30 -24.60 9.93
N TRP C 36 0.27 -23.43 9.64
CA TRP C 36 0.33 -22.91 8.28
C TRP C 36 1.78 -22.63 7.92
N VAL C 37 2.18 -23.05 6.72
CA VAL C 37 3.54 -22.89 6.22
C VAL C 37 3.45 -22.46 4.77
N ARG C 38 4.31 -21.52 4.37
CA ARG C 38 4.36 -21.06 2.99
C ARG C 38 5.75 -21.32 2.41
N GLN C 39 5.84 -21.18 1.09
CA GLN C 39 7.09 -21.48 0.37
C GLN C 39 7.13 -20.60 -0.87
N ALA C 40 7.92 -19.53 -0.81
CA ALA C 40 8.13 -18.69 -1.97
C ALA C 40 8.78 -19.50 -3.08
N PRO C 41 8.61 -19.08 -4.34
CA PRO C 41 9.18 -19.85 -5.45
C PRO C 41 10.70 -19.92 -5.36
N GLY C 42 11.24 -21.12 -5.55
CA GLY C 42 12.66 -21.35 -5.41
C GLY C 42 13.20 -21.24 -4.00
N GLN C 43 12.34 -21.13 -2.99
CA GLN C 43 12.74 -20.91 -1.61
C GLN C 43 12.31 -22.09 -0.74
N GLY C 44 12.71 -22.05 0.52
CA GLY C 44 12.41 -23.10 1.47
C GLY C 44 11.06 -22.91 2.15
N LEU C 45 10.81 -23.75 3.14
CA LEU C 45 9.58 -23.68 3.92
C LEU C 45 9.72 -22.65 5.02
N GLU C 46 8.63 -21.91 5.25
CA GLU C 46 8.62 -20.81 6.22
C GLU C 46 7.37 -20.94 7.09
N TRP C 47 7.57 -21.09 8.40
CA TRP C 47 6.46 -21.26 9.32
C TRP C 47 5.78 -19.93 9.61
N MET C 48 4.45 -19.95 9.64
CA MET C 48 3.64 -18.74 9.81
C MET C 48 2.94 -18.66 11.16
N GLY C 49 2.39 -19.77 11.65
CA GLY C 49 1.63 -19.74 12.87
C GLY C 49 0.81 -21.00 13.03
N TRP C 50 0.13 -21.09 14.18
CA TRP C 50 -0.77 -22.19 14.45
C TRP C 50 -2.05 -21.66 15.10
N ILE C 51 -3.07 -22.52 15.10
CA ILE C 51 -4.36 -22.21 15.71
C ILE C 51 -4.81 -23.43 16.51
N ASN C 52 -5.54 -23.17 17.59
CA ASN C 52 -6.13 -24.22 18.41
C ASN C 52 -7.59 -24.39 18.00
N PRO C 53 -7.95 -25.42 17.24
CA PRO C 53 -9.35 -25.56 16.80
C PRO C 53 -10.34 -25.66 17.95
N ASN C 54 -9.87 -25.97 19.16
CA ASN C 54 -10.76 -26.00 20.32
C ASN C 54 -11.00 -24.60 20.86
N SER C 55 -9.92 -23.86 21.11
CA SER C 55 -10.01 -22.55 21.74
C SER C 55 -10.14 -21.41 20.73
N GLY C 56 -9.68 -21.60 19.50
CA GLY C 56 -9.53 -20.50 18.57
C GLY C 56 -8.31 -19.64 18.82
N GLY C 57 -7.55 -19.91 19.87
CA GLY C 57 -6.35 -19.14 20.13
C GLY C 57 -5.27 -19.42 19.11
N THR C 58 -4.51 -18.37 18.79
CA THR C 58 -3.52 -18.43 17.72
C THR C 58 -2.14 -18.06 18.25
N ASN C 59 -1.15 -18.24 17.40
CA ASN C 59 0.21 -17.79 17.67
C ASN C 59 0.94 -17.72 16.34
N TYR C 60 1.35 -16.53 15.94
CA TYR C 60 1.97 -16.29 14.65
C TYR C 60 3.45 -16.00 14.82
N ALA C 61 4.20 -16.23 13.75
CA ALA C 61 5.59 -15.79 13.70
C ALA C 61 5.65 -14.28 13.71
N GLN C 62 6.67 -13.73 14.38
CA GLN C 62 6.84 -12.28 14.45
C GLN C 62 6.72 -11.64 13.08
N LYS C 63 7.25 -12.32 12.05
CA LYS C 63 7.26 -11.75 10.70
C LYS C 63 5.85 -11.46 10.21
N PHE C 64 4.87 -12.27 10.59
CA PHE C 64 3.50 -12.11 10.13
C PHE C 64 2.58 -11.51 11.19
N GLN C 65 3.10 -11.24 12.39
CA GLN C 65 2.28 -10.59 13.41
C GLN C 65 1.74 -9.29 12.88
N GLY C 66 0.42 -9.10 13.02
CA GLY C 66 -0.25 -7.95 12.46
C GLY C 66 -0.52 -8.03 10.97
N ARG C 67 -0.18 -9.14 10.33
CA ARG C 67 -0.40 -9.35 8.91
C ARG C 67 -1.34 -10.49 8.60
N VAL C 68 -1.42 -11.50 9.47
CA VAL C 68 -2.16 -12.72 9.19
C VAL C 68 -3.23 -12.89 10.26
N THR C 69 -4.27 -13.63 9.91
CA THR C 69 -5.37 -13.95 10.82
C THR C 69 -5.81 -15.38 10.55
N MET C 70 -5.74 -16.23 11.57
CA MET C 70 -6.11 -17.63 11.45
C MET C 70 -7.38 -17.91 12.24
N THR C 71 -8.29 -18.65 11.62
CA THR C 71 -9.58 -18.97 12.24
C THR C 71 -9.97 -20.38 11.81
N ARG C 72 -10.98 -20.93 12.49
CA ARG C 72 -11.49 -22.24 12.15
C ARG C 72 -13.01 -22.24 12.25
N ASP C 73 -13.62 -23.11 11.46
CA ASP C 73 -15.05 -23.41 11.54
C ASP C 73 -15.16 -24.89 11.84
N THR C 74 -15.21 -25.23 13.14
CA THR C 74 -15.22 -26.63 13.54
C THR C 74 -16.41 -27.38 12.95
N SER C 75 -17.54 -26.67 12.75
CA SER C 75 -18.71 -27.31 12.16
C SER C 75 -18.38 -28.01 10.85
N ILE C 76 -17.39 -27.50 10.12
CA ILE C 76 -17.00 -28.06 8.83
C ILE C 76 -15.52 -28.44 8.82
N SER C 77 -14.92 -28.60 10.00
CA SER C 77 -13.55 -29.10 10.12
C SER C 77 -12.58 -28.34 9.21
N THR C 78 -12.79 -27.03 9.10
CA THR C 78 -12.07 -26.19 8.15
C THR C 78 -11.27 -25.13 8.90
N ALA C 79 -10.02 -24.95 8.48
CA ALA C 79 -9.14 -23.91 9.00
C ALA C 79 -8.86 -22.89 7.91
N TYR C 80 -8.66 -21.64 8.32
CA TYR C 80 -8.54 -20.53 7.39
C TYR C 80 -7.27 -19.74 7.66
N MET C 81 -6.68 -19.22 6.59
CA MET C 81 -5.48 -18.38 6.64
C MET C 81 -5.76 -17.12 5.83
N GLU C 82 -5.82 -15.97 6.50
CA GLU C 82 -6.06 -14.69 5.84
C GLU C 82 -4.80 -13.84 5.96
N LEU C 83 -4.29 -13.39 4.82
CA LEU C 83 -3.11 -12.53 4.75
C LEU C 83 -3.50 -11.21 4.10
N SER C 84 -3.27 -10.11 4.79
CA SER C 84 -3.77 -8.80 4.40
C SER C 84 -2.63 -7.90 3.93
N ARG C 85 -3.01 -6.86 3.19
CA ARG C 85 -2.07 -5.89 2.65
C ARG C 85 -0.94 -6.61 1.91
N LEU C 86 -1.33 -7.30 0.85
CA LEU C 86 -0.41 -8.23 0.19
C LEU C 86 0.77 -7.50 -0.43
N ARG C 87 1.94 -8.14 -0.35
CA ARG C 87 3.17 -7.65 -0.94
C ARG C 87 3.63 -8.63 -2.00
N SER C 88 4.53 -8.15 -2.87
CA SER C 88 5.17 -9.05 -3.82
C SER C 88 5.91 -10.18 -3.10
N ASP C 89 6.34 -9.93 -1.86
CA ASP C 89 6.98 -10.98 -1.06
C ASP C 89 6.04 -12.14 -0.78
N ASP C 90 4.72 -11.92 -0.84
CA ASP C 90 3.74 -12.91 -0.44
C ASP C 90 3.38 -13.87 -1.56
N THR C 91 4.07 -13.81 -2.70
CA THR C 91 3.90 -14.83 -3.72
C THR C 91 4.55 -16.12 -3.26
N ALA C 92 3.75 -17.19 -3.13
CA ALA C 92 4.24 -18.43 -2.56
C ALA C 92 3.12 -19.45 -2.59
N VAL C 93 3.48 -20.71 -2.36
CA VAL C 93 2.52 -21.77 -2.11
C VAL C 93 2.30 -21.86 -0.61
N TYR C 94 1.04 -21.90 -0.20
CA TYR C 94 0.66 -21.92 1.21
C TYR C 94 0.10 -23.29 1.56
N TYR C 95 0.73 -23.97 2.52
CA TYR C 95 0.28 -25.27 3.00
C TYR C 95 -0.32 -25.14 4.39
N CYS C 96 -1.26 -26.03 4.69
CA CYS C 96 -1.65 -26.29 6.07
C CYS C 96 -1.01 -27.61 6.51
N ALA C 97 -0.58 -27.65 7.77
CA ALA C 97 0.17 -28.79 8.27
C ALA C 97 -0.28 -29.11 9.69
N ARG C 98 -0.24 -30.40 10.02
CA ARG C 98 -0.69 -30.89 11.32
C ARG C 98 0.34 -31.87 11.86
N GLY C 99 0.58 -31.81 13.17
CA GLY C 99 1.54 -32.67 13.80
C GLY C 99 1.09 -34.12 13.85
N LYS C 100 2.03 -34.99 14.20
CA LYS C 100 1.74 -36.42 14.30
C LYS C 100 0.75 -36.69 15.41
N ASN C 101 1.04 -36.24 16.62
CA ASN C 101 0.19 -36.45 17.79
C ASN C 101 0.66 -35.50 18.89
N SER C 102 0.01 -35.60 20.05
CA SER C 102 0.31 -34.66 21.13
C SER C 102 1.76 -34.78 21.60
N ASP C 103 2.34 -35.97 21.51
CA ASP C 103 3.73 -36.16 21.93
C ASP C 103 4.69 -35.54 20.93
N TYR C 104 4.44 -35.73 19.64
CA TYR C 104 5.27 -35.17 18.58
C TYR C 104 4.44 -34.12 17.83
N ASN C 105 4.11 -33.04 18.55
CA ASN C 105 3.18 -32.04 18.05
C ASN C 105 3.77 -31.11 16.99
N TRP C 106 5.08 -31.17 16.76
CA TRP C 106 5.72 -30.31 15.76
C TRP C 106 6.33 -31.12 14.62
N ASP C 107 6.03 -32.41 14.52
CA ASP C 107 6.47 -33.25 13.41
C ASP C 107 5.31 -33.35 12.43
N PHE C 108 5.25 -32.40 11.51
CA PHE C 108 4.13 -32.31 10.59
C PHE C 108 4.02 -33.55 9.71
N GLN C 109 3.20 -34.50 10.14
CA GLN C 109 3.00 -35.73 9.38
C GLN C 109 2.02 -35.56 8.23
N HIS C 110 1.20 -34.51 8.24
CA HIS C 110 0.11 -34.33 7.28
C HIS C 110 0.18 -32.94 6.68
N TRP C 111 0.30 -32.87 5.36
CA TRP C 111 0.33 -31.62 4.62
C TRP C 111 -0.83 -31.58 3.62
N GLY C 112 -1.42 -30.41 3.46
CA GLY C 112 -2.34 -30.19 2.36
C GLY C 112 -1.61 -30.06 1.05
N GLN C 113 -2.37 -30.10 -0.05
CA GLN C 113 -1.72 -30.05 -1.36
C GLN C 113 -1.06 -28.70 -1.63
N GLY C 114 -1.51 -27.65 -0.96
CA GLY C 114 -0.95 -26.33 -1.14
C GLY C 114 -1.86 -25.44 -1.97
N THR C 115 -1.79 -24.13 -1.71
CA THR C 115 -2.55 -23.13 -2.46
C THR C 115 -1.58 -22.06 -2.93
N LEU C 116 -1.42 -21.94 -4.24
CA LEU C 116 -0.54 -20.93 -4.81
C LEU C 116 -1.26 -19.58 -4.86
N VAL C 117 -0.75 -18.61 -4.12
CA VAL C 117 -1.26 -17.24 -4.14
C VAL C 117 -0.21 -16.38 -4.83
N THR C 118 -0.59 -15.74 -5.93
CA THR C 118 0.30 -14.89 -6.71
C THR C 118 -0.13 -13.44 -6.58
N VAL C 119 0.83 -12.57 -6.25
CA VAL C 119 0.57 -11.16 -6.01
C VAL C 119 1.19 -10.39 -7.17
N SER C 120 0.33 -9.77 -7.99
CA SER C 120 0.80 -9.07 -9.18
C SER C 120 -0.29 -8.14 -9.68
N SER C 121 0.11 -6.95 -10.12
CA SER C 121 -0.81 -5.98 -10.70
C SER C 121 -0.92 -6.09 -12.21
N ALA C 122 -0.24 -7.05 -12.82
CA ALA C 122 -0.30 -7.22 -14.27
C ALA C 122 -1.71 -7.63 -14.69
N SER C 123 -2.13 -7.14 -15.85
CA SER C 123 -3.40 -7.54 -16.42
C SER C 123 -3.23 -8.83 -17.20
N THR C 124 -4.32 -9.60 -17.28
CA THR C 124 -4.30 -10.85 -18.03
C THR C 124 -3.99 -10.56 -19.50
N LYS C 125 -2.84 -11.05 -19.97
CA LYS C 125 -2.38 -10.81 -21.33
C LYS C 125 -1.92 -12.12 -21.97
N GLY C 126 -2.09 -12.21 -23.28
CA GLY C 126 -1.65 -13.36 -24.03
C GLY C 126 -0.22 -13.22 -24.54
N PRO C 127 0.39 -14.33 -24.92
CA PRO C 127 1.79 -14.29 -25.36
C PRO C 127 1.95 -13.89 -26.82
N SER C 128 3.12 -13.34 -27.12
CA SER C 128 3.56 -13.12 -28.49
C SER C 128 4.50 -14.27 -28.87
N VAL C 129 4.18 -14.95 -29.96
CA VAL C 129 4.95 -16.11 -30.40
C VAL C 129 5.86 -15.69 -31.54
N PHE C 130 7.17 -15.90 -31.34
CA PHE C 130 8.15 -15.62 -32.36
C PHE C 130 8.99 -16.85 -32.65
N PRO C 131 9.34 -17.10 -33.91
CA PRO C 131 10.11 -18.30 -34.24
C PRO C 131 11.59 -18.14 -33.92
N LEU C 132 12.22 -19.29 -33.70
CA LEU C 132 13.68 -19.40 -33.61
C LEU C 132 14.13 -20.26 -34.79
N ALA C 133 14.57 -19.60 -35.85
CA ALA C 133 14.83 -20.31 -37.10
C ALA C 133 16.10 -21.14 -37.00
N PRO C 134 16.11 -22.36 -37.52
CA PRO C 134 17.33 -23.18 -37.46
C PRO C 134 18.34 -22.77 -38.53
N SER C 135 19.61 -22.95 -38.18
CA SER C 135 20.70 -22.63 -39.10
C SER C 135 21.93 -23.49 -38.81
N GLY C 142 24.78 -32.45 -38.39
CA GLY C 142 23.76 -33.46 -38.63
C GLY C 142 22.39 -33.05 -38.12
N THR C 143 22.33 -32.72 -36.83
CA THR C 143 21.09 -32.27 -36.21
C THR C 143 21.01 -30.74 -36.22
N ALA C 144 19.79 -30.24 -36.09
CA ALA C 144 19.53 -28.80 -36.13
C ALA C 144 18.55 -28.43 -35.03
N ALA C 145 18.85 -27.34 -34.33
CA ALA C 145 18.05 -26.88 -33.20
C ALA C 145 17.19 -25.70 -33.63
N LEU C 146 15.89 -25.80 -33.34
CA LEU C 146 14.94 -24.72 -33.59
C LEU C 146 13.98 -24.63 -32.41
N GLY C 147 13.26 -23.53 -32.33
CA GLY C 147 12.35 -23.35 -31.22
C GLY C 147 11.41 -22.18 -31.43
N CYS C 148 10.72 -21.82 -30.35
CA CYS C 148 9.81 -20.69 -30.35
C CYS C 148 10.04 -19.83 -29.11
N LEU C 149 9.83 -18.54 -29.27
CA LEU C 149 9.94 -17.57 -28.18
C LEU C 149 8.53 -17.14 -27.80
N VAL C 150 8.10 -17.52 -26.60
CA VAL C 150 6.79 -17.16 -26.07
C VAL C 150 7.03 -16.04 -25.06
N LYS C 151 6.75 -14.80 -25.48
CA LYS C 151 7.17 -13.61 -24.73
C LYS C 151 5.97 -12.77 -24.31
N ASP C 152 6.01 -12.30 -23.06
CA ASP C 152 5.06 -11.33 -22.53
C ASP C 152 3.66 -11.90 -22.41
N TYR C 153 3.44 -12.75 -21.40
CA TYR C 153 2.13 -13.30 -21.11
C TYR C 153 1.91 -13.29 -19.60
N PHE C 154 0.64 -13.23 -19.20
CA PHE C 154 0.23 -13.27 -17.81
C PHE C 154 -1.18 -13.84 -17.79
N PRO C 155 -1.52 -14.75 -16.85
CA PRO C 155 -0.77 -15.47 -15.81
C PRO C 155 0.15 -16.57 -16.33
N GLU C 156 0.76 -17.33 -15.41
CA GLU C 156 1.96 -18.13 -15.70
C GLU C 156 1.74 -19.35 -16.60
N PRO C 157 0.63 -20.09 -16.48
CA PRO C 157 0.57 -21.40 -17.16
C PRO C 157 0.47 -21.27 -18.67
N VAL C 158 1.52 -21.68 -19.36
CA VAL C 158 1.56 -21.72 -20.82
C VAL C 158 2.06 -23.11 -21.22
N THR C 159 1.39 -23.73 -22.18
CA THR C 159 1.76 -25.04 -22.68
C THR C 159 2.19 -24.94 -24.13
N VAL C 160 3.18 -25.74 -24.51
CA VAL C 160 3.77 -25.71 -25.84
C VAL C 160 3.89 -27.13 -26.36
N SER C 161 3.32 -27.38 -27.53
CA SER C 161 3.45 -28.65 -28.23
C SER C 161 4.09 -28.42 -29.59
N TRP C 162 4.42 -29.51 -30.28
CA TRP C 162 5.07 -29.45 -31.58
C TRP C 162 4.34 -30.38 -32.54
N ASN C 163 3.74 -29.78 -33.57
CA ASN C 163 2.95 -30.53 -34.56
C ASN C 163 1.79 -31.27 -33.90
N SER C 164 1.21 -30.64 -32.88
CA SER C 164 0.03 -31.17 -32.20
C SER C 164 0.32 -32.54 -31.57
N GLY C 165 1.39 -32.59 -30.77
CA GLY C 165 1.77 -33.80 -30.08
C GLY C 165 2.44 -34.84 -30.93
N ALA C 166 2.44 -34.69 -32.26
CA ALA C 166 3.11 -35.66 -33.12
C ALA C 166 4.62 -35.66 -32.89
N LEU C 167 5.18 -34.53 -32.49
CA LEU C 167 6.61 -34.40 -32.24
C LEU C 167 6.82 -34.20 -30.75
N THR C 168 7.58 -35.10 -30.14
CA THR C 168 7.83 -35.05 -28.70
C THR C 168 9.27 -35.36 -28.30
N SER C 169 10.09 -35.92 -29.19
CA SER C 169 11.45 -36.28 -28.84
C SER C 169 12.38 -35.09 -29.05
N GLY C 170 13.24 -34.84 -28.07
CA GLY C 170 14.23 -33.78 -28.17
C GLY C 170 13.74 -32.40 -27.80
N VAL C 171 12.56 -32.30 -27.20
CA VAL C 171 11.99 -31.00 -26.86
C VAL C 171 12.57 -30.52 -25.54
N HIS C 172 12.64 -29.19 -25.39
CA HIS C 172 13.11 -28.57 -24.15
C HIS C 172 12.34 -27.26 -23.97
N THR C 173 11.21 -27.35 -23.28
CA THR C 173 10.40 -26.17 -22.95
C THR C 173 10.85 -25.67 -21.59
N PHE C 174 11.64 -24.59 -21.59
CA PHE C 174 12.24 -24.11 -20.37
C PHE C 174 11.18 -23.49 -19.45
N PRO C 175 11.46 -23.43 -18.15
CA PRO C 175 10.55 -22.72 -17.25
C PRO C 175 10.47 -21.25 -17.62
N ALA C 176 9.39 -20.60 -17.19
CA ALA C 176 9.16 -19.21 -17.50
C ALA C 176 9.98 -18.31 -16.60
N VAL C 177 10.29 -17.12 -17.10
CA VAL C 177 11.03 -16.11 -16.35
C VAL C 177 10.14 -14.88 -16.21
N LEU C 178 10.18 -14.26 -15.04
CA LEU C 178 9.39 -13.05 -14.77
C LEU C 178 10.23 -11.84 -15.16
N GLN C 179 9.76 -11.09 -16.14
CA GLN C 179 10.47 -9.92 -16.64
C GLN C 179 10.16 -8.70 -15.77
N SER C 180 10.87 -7.60 -16.05
CA SER C 180 10.68 -6.38 -15.28
C SER C 180 9.29 -5.79 -15.44
N SER C 181 8.59 -6.14 -16.53
CA SER C 181 7.24 -5.65 -16.76
C SER C 181 6.20 -6.39 -15.93
N GLY C 182 6.59 -7.40 -15.17
CA GLY C 182 5.65 -8.21 -14.44
C GLY C 182 5.00 -9.31 -15.26
N LEU C 183 5.44 -9.51 -16.50
CA LEU C 183 4.89 -10.53 -17.38
C LEU C 183 5.93 -11.60 -17.64
N TYR C 184 5.46 -12.81 -17.92
CA TYR C 184 6.33 -13.97 -18.06
C TYR C 184 6.77 -14.16 -19.52
N SER C 185 7.85 -14.93 -19.67
CA SER C 185 8.36 -15.27 -20.99
C SER C 185 9.15 -16.58 -20.88
N LEU C 186 9.15 -17.35 -21.97
CA LEU C 186 9.92 -18.58 -22.02
C LEU C 186 10.23 -18.89 -23.48
N SER C 187 10.88 -20.03 -23.69
CA SER C 187 11.20 -20.50 -25.04
C SER C 187 11.17 -22.02 -25.05
N SER C 188 10.74 -22.59 -26.18
CA SER C 188 10.66 -24.02 -26.36
C SER C 188 11.45 -24.39 -27.61
N VAL C 189 12.48 -25.21 -27.44
CA VAL C 189 13.37 -25.59 -28.52
C VAL C 189 13.30 -27.09 -28.71
N VAL C 190 13.81 -27.55 -29.87
CA VAL C 190 13.86 -28.98 -30.17
C VAL C 190 14.91 -29.19 -31.26
N THR C 191 15.70 -30.24 -31.09
CA THR C 191 16.71 -30.61 -32.07
C THR C 191 16.13 -31.64 -33.04
N VAL C 192 16.39 -31.42 -34.32
CA VAL C 192 15.87 -32.31 -35.38
C VAL C 192 16.99 -32.57 -36.39
N PRO C 193 16.87 -33.66 -37.15
CA PRO C 193 17.84 -33.91 -38.22
C PRO C 193 17.80 -32.81 -39.28
N SER C 194 18.98 -32.44 -39.78
CA SER C 194 19.07 -31.42 -40.82
C SER C 194 18.28 -31.82 -42.05
N SER C 195 18.38 -33.10 -42.45
CA SER C 195 17.60 -33.59 -43.58
C SER C 195 16.10 -33.38 -43.39
N SER C 196 15.65 -33.30 -42.13
CA SER C 196 14.23 -33.05 -41.89
C SER C 196 13.84 -31.61 -42.21
N LEU C 197 14.77 -30.67 -42.04
CA LEU C 197 14.45 -29.27 -42.33
C LEU C 197 14.02 -29.09 -43.78
N GLY C 198 14.62 -29.86 -44.69
CA GLY C 198 14.31 -29.73 -46.10
C GLY C 198 13.04 -30.42 -46.54
N THR C 199 12.49 -31.32 -45.73
CA THR C 199 11.32 -32.10 -46.10
C THR C 199 10.20 -32.10 -45.06
N GLN C 200 10.46 -31.71 -43.83
CA GLN C 200 9.48 -31.77 -42.75
C GLN C 200 9.19 -30.38 -42.22
N THR C 201 7.93 -30.17 -41.82
CA THR C 201 7.47 -28.90 -41.29
C THR C 201 7.34 -28.99 -39.78
N TYR C 202 7.65 -27.88 -39.10
CA TYR C 202 7.59 -27.82 -37.64
C TYR C 202 6.75 -26.62 -37.22
N ILE C 203 5.83 -26.85 -36.28
CA ILE C 203 4.88 -25.82 -35.85
C ILE C 203 4.83 -25.82 -34.33
N CYS C 204 4.97 -24.64 -33.74
CA CYS C 204 4.76 -24.48 -32.30
C CYS C 204 3.28 -24.37 -32.02
N ASN C 205 2.81 -25.08 -30.99
CA ASN C 205 1.41 -25.06 -30.59
C ASN C 205 1.36 -24.47 -29.19
N VAL C 206 1.15 -23.16 -29.11
CA VAL C 206 1.12 -22.44 -27.84
C VAL C 206 -0.32 -22.29 -27.39
N ASN C 207 -0.55 -22.41 -26.09
CA ASN C 207 -1.88 -22.24 -25.51
C ASN C 207 -1.74 -21.53 -24.18
N HIS C 208 -2.39 -20.37 -24.06
CA HIS C 208 -2.45 -19.63 -22.81
C HIS C 208 -3.93 -19.54 -22.42
N LYS C 209 -4.39 -20.57 -21.70
CA LYS C 209 -5.81 -20.67 -21.37
C LYS C 209 -6.37 -19.40 -20.73
N PRO C 210 -5.71 -18.75 -19.77
CA PRO C 210 -6.32 -17.59 -19.10
C PRO C 210 -6.86 -16.55 -20.08
N SER C 211 -5.99 -16.03 -20.95
CA SER C 211 -6.41 -15.10 -21.97
C SER C 211 -7.02 -15.78 -23.19
N ASN C 212 -7.18 -17.10 -23.13
CA ASN C 212 -7.72 -17.89 -24.25
C ASN C 212 -6.99 -17.53 -25.55
N THR C 213 -5.68 -17.76 -25.53
CA THR C 213 -4.81 -17.54 -26.68
C THR C 213 -4.22 -18.87 -27.09
N LYS C 214 -4.43 -19.26 -28.34
CA LYS C 214 -3.94 -20.53 -28.87
C LYS C 214 -3.33 -20.27 -30.24
N VAL C 215 -1.99 -20.29 -30.28
CA VAL C 215 -1.23 -19.82 -31.44
C VAL C 215 -0.54 -21.01 -32.10
N ASP C 216 -0.47 -20.98 -33.43
CA ASP C 216 0.27 -21.96 -34.20
C ASP C 216 1.22 -21.23 -35.14
N LYS C 217 2.52 -21.43 -34.94
CA LYS C 217 3.56 -20.72 -35.69
C LYS C 217 4.45 -21.73 -36.40
N ARG C 218 4.70 -21.48 -37.68
CA ARG C 218 5.63 -22.30 -38.44
C ARG C 218 7.05 -21.79 -38.24
N VAL C 219 8.00 -22.72 -38.13
CA VAL C 219 9.42 -22.39 -37.95
C VAL C 219 10.15 -22.99 -39.15
N GLU C 220 10.50 -22.14 -40.12
CA GLU C 220 11.21 -22.57 -41.31
C GLU C 220 12.62 -22.01 -41.33
N PRO C 221 13.58 -22.72 -41.93
CA PRO C 221 14.94 -22.17 -42.02
C PRO C 221 14.94 -20.78 -42.62
N LYS C 222 15.94 -19.99 -42.22
CA LYS C 222 16.03 -18.61 -42.67
C LYS C 222 16.23 -18.52 -44.19
N GLU D 1 16.14 -16.55 18.34
CA GLU D 1 15.84 -17.33 17.11
C GLU D 1 16.89 -18.40 16.87
N ILE D 2 16.45 -19.60 16.51
CA ILE D 2 17.34 -20.69 16.15
C ILE D 2 17.49 -20.69 14.64
N VAL D 3 18.74 -20.79 14.17
CA VAL D 3 19.04 -20.90 12.75
C VAL D 3 19.45 -22.34 12.47
N LEU D 4 18.86 -22.94 11.44
CA LEU D 4 19.17 -24.29 11.02
C LEU D 4 19.93 -24.22 9.70
N THR D 5 21.17 -24.68 9.71
CA THR D 5 22.02 -24.67 8.53
C THR D 5 22.17 -26.11 8.02
N GLN D 6 21.79 -26.33 6.78
CA GLN D 6 21.95 -27.62 6.13
C GLN D 6 23.16 -27.60 5.20
N SER D 7 23.80 -28.75 5.06
CA SER D 7 24.95 -28.87 4.17
C SER D 7 24.96 -30.26 3.54
N PRO D 8 25.36 -30.38 2.27
CA PRO D 8 25.72 -29.29 1.37
C PRO D 8 24.50 -28.66 0.69
N ALA D 9 24.70 -27.61 -0.08
CA ALA D 9 23.59 -27.01 -0.82
C ALA D 9 23.10 -27.96 -1.92
N THR D 10 24.02 -28.62 -2.61
CA THR D 10 23.69 -29.60 -3.63
C THR D 10 24.56 -30.83 -3.40
N LEU D 11 23.92 -31.99 -3.31
CA LEU D 11 24.61 -33.26 -3.13
C LEU D 11 24.43 -34.08 -4.41
N SER D 12 25.53 -34.28 -5.13
CA SER D 12 25.51 -35.02 -6.39
C SER D 12 26.02 -36.44 -6.14
N LEU D 13 25.15 -37.43 -6.37
CA LEU D 13 25.49 -38.83 -6.16
C LEU D 13 24.83 -39.67 -7.23
N SER D 14 25.30 -40.94 -7.34
CA SER D 14 24.78 -41.89 -8.31
C SER D 14 23.81 -42.87 -7.64
N PRO D 15 22.87 -43.43 -8.39
CA PRO D 15 21.97 -44.42 -7.79
C PRO D 15 22.74 -45.59 -7.20
N GLY D 16 22.28 -46.05 -6.04
CA GLY D 16 22.94 -47.12 -5.31
C GLY D 16 23.91 -46.65 -4.26
N GLU D 17 24.44 -45.43 -4.38
CA GLU D 17 25.41 -44.93 -3.42
C GLU D 17 24.71 -44.45 -2.15
N ARG D 18 25.49 -44.28 -1.09
CA ARG D 18 24.97 -43.84 0.20
C ARG D 18 25.10 -42.33 0.32
N ALA D 19 24.03 -41.69 0.77
CA ALA D 19 23.98 -40.24 0.91
C ALA D 19 23.87 -39.87 2.39
N THR D 20 24.60 -38.84 2.79
CA THR D 20 24.61 -38.37 4.18
C THR D 20 24.39 -36.86 4.17
N LEU D 21 23.24 -36.44 4.69
CA LEU D 21 22.88 -35.02 4.77
C LEU D 21 23.00 -34.57 6.22
N SER D 22 23.39 -33.32 6.40
CA SER D 22 23.66 -32.77 7.73
C SER D 22 22.85 -31.50 7.95
N CYS D 23 22.50 -31.28 9.21
CA CYS D 23 21.72 -30.13 9.64
C CYS D 23 22.23 -29.72 11.01
N ARG D 24 22.66 -28.46 11.14
CA ARG D 24 23.19 -27.95 12.38
C ARG D 24 22.32 -26.80 12.89
N ALA D 25 22.03 -26.83 14.18
CA ALA D 25 21.22 -25.81 14.82
C ALA D 25 22.12 -24.81 15.57
N SER D 26 21.60 -23.61 15.74
CA SER D 26 22.35 -22.57 16.45
C SER D 26 22.50 -22.90 17.93
N GLN D 27 21.46 -23.49 18.53
CA GLN D 27 21.43 -23.79 19.96
C GLN D 27 21.13 -25.27 20.15
N SER D 28 21.35 -25.74 21.37
CA SER D 28 21.08 -27.14 21.69
C SER D 28 19.58 -27.43 21.60
N VAL D 29 19.25 -28.60 21.07
CA VAL D 29 17.87 -28.93 20.72
C VAL D 29 17.48 -30.28 21.31
N SER D 30 18.45 -30.99 21.89
CA SER D 30 18.26 -32.36 22.34
C SER D 30 18.01 -33.26 21.13
N SER D 31 16.75 -33.56 20.82
CA SER D 31 16.45 -34.43 19.69
C SER D 31 15.06 -34.12 19.13
N TYR D 32 14.70 -32.84 19.08
CA TYR D 32 13.44 -32.41 18.48
C TYR D 32 13.71 -31.88 17.07
N LEU D 33 14.03 -32.81 16.19
CA LEU D 33 14.44 -32.51 14.83
C LEU D 33 13.70 -33.44 13.87
N ALA D 34 13.16 -32.88 12.79
CA ALA D 34 12.46 -33.64 11.78
C ALA D 34 13.09 -33.41 10.42
N TRP D 35 12.92 -34.38 9.53
CA TRP D 35 13.39 -34.29 8.15
C TRP D 35 12.20 -34.45 7.22
N TYR D 36 12.31 -33.83 6.04
CA TYR D 36 11.23 -33.84 5.07
C TYR D 36 11.80 -34.01 3.68
N GLN D 37 11.02 -34.64 2.80
CA GLN D 37 11.34 -34.75 1.39
C GLN D 37 10.30 -33.97 0.60
N GLN D 38 10.77 -33.28 -0.44
CA GLN D 38 9.87 -32.54 -1.32
C GLN D 38 10.38 -32.64 -2.75
N LYS D 39 9.50 -33.03 -3.65
CA LYS D 39 9.78 -33.00 -5.07
C LYS D 39 9.10 -31.80 -5.71
N PRO D 40 9.57 -31.34 -6.86
CA PRO D 40 8.97 -30.16 -7.49
C PRO D 40 7.47 -30.34 -7.68
N GLY D 41 6.71 -29.31 -7.29
CA GLY D 41 5.28 -29.32 -7.47
C GLY D 41 4.50 -30.14 -6.48
N GLN D 42 5.16 -30.81 -5.54
CA GLN D 42 4.52 -31.69 -4.59
C GLN D 42 4.75 -31.19 -3.17
N ALA D 43 3.84 -31.57 -2.28
CA ALA D 43 3.92 -31.14 -0.90
C ALA D 43 4.99 -31.93 -0.16
N PRO D 44 5.55 -31.37 0.91
CA PRO D 44 6.57 -32.09 1.68
C PRO D 44 6.04 -33.43 2.19
N ARG D 45 6.97 -34.25 2.66
CA ARG D 45 6.64 -35.55 3.22
C ARG D 45 7.58 -35.81 4.38
N LEU D 46 7.00 -36.13 5.54
CA LEU D 46 7.81 -36.38 6.73
C LEU D 46 8.55 -37.71 6.60
N LEU D 47 9.86 -37.66 6.82
CA LEU D 47 10.71 -38.85 6.79
C LEU D 47 11.08 -39.31 8.19
N ILE D 48 11.74 -38.44 8.95
CA ILE D 48 12.25 -38.76 10.28
C ILE D 48 11.65 -37.79 11.27
N TYR D 49 11.30 -38.30 12.46
CA TYR D 49 10.86 -37.47 13.57
C TYR D 49 11.66 -37.84 14.80
N ASP D 50 11.83 -36.86 15.69
CA ASP D 50 12.68 -37.02 16.88
C ASP D 50 14.11 -37.36 16.47
N ALA D 51 14.52 -36.92 15.28
CA ALA D 51 15.89 -37.01 14.80
C ALA D 51 16.26 -38.40 14.28
N SER D 52 15.56 -39.46 14.72
CA SER D 52 15.98 -40.80 14.35
C SER D 52 14.84 -41.80 14.18
N ASN D 53 13.58 -41.41 14.32
CA ASN D 53 12.47 -42.34 14.19
C ASN D 53 11.83 -42.18 12.82
N ARG D 54 11.74 -43.28 12.08
CA ARG D 54 11.10 -43.26 10.77
C ARG D 54 9.62 -42.95 10.91
N ALA D 55 9.11 -42.12 10.02
CA ALA D 55 7.69 -41.76 10.03
C ALA D 55 6.90 -42.85 9.33
N THR D 56 5.62 -42.58 9.07
CA THR D 56 4.73 -43.60 8.50
C THR D 56 5.15 -43.95 7.08
N GLY D 57 5.27 -45.24 6.80
CA GLY D 57 5.51 -45.71 5.44
C GLY D 57 6.83 -45.27 4.86
N ILE D 58 7.86 -45.15 5.67
CA ILE D 58 9.18 -44.69 5.22
C ILE D 58 10.07 -45.92 5.03
N PRO D 59 10.76 -46.06 3.89
CA PRO D 59 11.63 -47.23 3.71
C PRO D 59 12.78 -47.26 4.71
N ALA D 60 13.30 -48.47 4.94
CA ALA D 60 14.34 -48.65 5.94
C ALA D 60 15.63 -47.92 5.57
N ARG D 61 15.86 -47.69 4.27
CA ARG D 61 17.10 -47.05 3.85
C ARG D 61 17.26 -45.64 4.40
N PHE D 62 16.16 -44.99 4.78
CA PHE D 62 16.22 -43.68 5.42
C PHE D 62 16.50 -43.84 6.91
N SER D 63 17.34 -42.96 7.44
CA SER D 63 17.65 -42.97 8.86
C SER D 63 18.35 -41.67 9.22
N GLY D 64 18.20 -41.27 10.48
CA GLY D 64 18.85 -40.07 10.98
C GLY D 64 19.35 -40.28 12.39
N SER D 65 20.39 -39.52 12.73
CA SER D 65 20.97 -39.58 14.06
C SER D 65 21.49 -38.20 14.42
N GLY D 66 21.77 -38.01 15.71
CA GLY D 66 22.32 -36.78 16.22
C GLY D 66 21.56 -36.27 17.42
N SER D 67 22.14 -35.24 18.03
CA SER D 67 21.55 -34.60 19.21
C SER D 67 22.18 -33.24 19.39
N GLY D 68 21.57 -32.43 20.24
CA GLY D 68 22.09 -31.11 20.56
C GLY D 68 22.07 -30.16 19.38
N THR D 69 23.19 -30.10 18.64
CA THR D 69 23.33 -29.14 17.55
C THR D 69 23.76 -29.77 16.23
N ASP D 70 23.99 -31.08 16.18
CA ASP D 70 24.49 -31.74 14.97
C ASP D 70 23.58 -32.91 14.64
N PHE D 71 22.98 -32.89 13.45
CA PHE D 71 22.06 -33.93 13.02
C PHE D 71 22.41 -34.36 11.60
N THR D 72 22.12 -35.63 11.30
CA THR D 72 22.39 -36.17 9.98
C THR D 72 21.20 -37.00 9.51
N LEU D 73 20.98 -36.97 8.19
CA LEU D 73 20.07 -37.87 7.52
C LEU D 73 20.89 -38.73 6.56
N THR D 74 20.59 -40.03 6.53
CA THR D 74 21.37 -40.97 5.75
C THR D 74 20.43 -41.88 4.96
N ILE D 75 20.66 -41.95 3.65
CA ILE D 75 20.03 -42.94 2.79
C ILE D 75 21.10 -43.98 2.47
N SER D 76 20.91 -45.20 2.97
CA SER D 76 21.97 -46.20 2.89
C SER D 76 22.37 -46.47 1.44
N SER D 77 21.39 -46.52 0.54
CA SER D 77 21.66 -46.79 -0.88
C SER D 77 20.60 -46.09 -1.71
N LEU D 78 20.99 -44.99 -2.35
CA LEU D 78 20.03 -44.16 -3.07
C LEU D 78 19.30 -44.96 -4.14
N GLU D 79 18.09 -44.51 -4.46
CA GLU D 79 17.32 -45.07 -5.55
C GLU D 79 16.68 -43.91 -6.32
N PRO D 80 16.31 -44.13 -7.59
CA PRO D 80 15.87 -43.03 -8.44
C PRO D 80 14.87 -42.08 -7.78
N GLU D 81 13.87 -42.60 -7.07
CA GLU D 81 12.85 -41.74 -6.49
C GLU D 81 13.35 -40.93 -5.30
N ASP D 82 14.58 -41.20 -4.84
CA ASP D 82 15.11 -40.48 -3.67
C ASP D 82 15.73 -39.14 -4.03
N PHE D 83 16.01 -38.90 -5.30
CA PHE D 83 16.63 -37.64 -5.71
C PHE D 83 15.60 -36.52 -5.64
N ALA D 84 15.82 -35.57 -4.73
CA ALA D 84 14.86 -34.51 -4.47
C ALA D 84 15.48 -33.48 -3.52
N VAL D 85 14.64 -32.66 -2.89
CA VAL D 85 15.08 -31.68 -1.91
C VAL D 85 14.73 -32.21 -0.53
N TYR D 86 15.60 -31.91 0.44
CA TYR D 86 15.43 -32.39 1.80
C TYR D 86 15.60 -31.23 2.77
N TYR D 87 14.63 -31.07 3.68
CA TYR D 87 14.63 -30.00 4.66
C TYR D 87 14.67 -30.59 6.07
N CYS D 88 15.31 -29.87 6.97
CA CYS D 88 15.23 -30.16 8.40
C CYS D 88 14.44 -29.06 9.10
N GLN D 89 13.76 -29.45 10.18
CA GLN D 89 12.85 -28.57 10.90
C GLN D 89 13.09 -28.72 12.39
N GLN D 90 13.08 -27.58 13.10
CA GLN D 90 13.19 -27.57 14.56
C GLN D 90 12.19 -26.56 15.08
N TYR D 91 11.13 -27.04 15.74
CA TYR D 91 10.12 -26.16 16.28
C TYR D 91 9.51 -25.32 15.16
N GLU D 92 9.76 -24.01 15.16
CA GLU D 92 9.17 -23.10 14.18
C GLU D 92 10.10 -22.78 13.02
N PHE D 93 11.27 -23.40 12.96
CA PHE D 93 12.31 -23.03 12.00
C PHE D 93 12.59 -24.19 11.06
N PHE D 94 12.82 -23.85 9.79
CA PHE D 94 13.21 -24.81 8.78
C PHE D 94 14.62 -24.50 8.29
N GLY D 95 15.28 -25.51 7.72
CA GLY D 95 16.57 -25.31 7.11
C GLY D 95 16.44 -24.79 5.68
N GLN D 96 17.58 -24.33 5.15
CA GLN D 96 17.61 -23.86 3.77
C GLN D 96 17.29 -24.98 2.79
N GLY D 97 17.66 -26.20 3.12
CA GLY D 97 17.36 -27.35 2.28
C GLY D 97 18.58 -27.82 1.50
N THR D 98 18.61 -29.11 1.20
CA THR D 98 19.63 -29.70 0.36
C THR D 98 18.98 -30.37 -0.83
N LYS D 99 19.51 -30.11 -2.02
CA LYS D 99 19.04 -30.73 -3.25
C LYS D 99 19.92 -31.93 -3.56
N LEU D 100 19.31 -33.10 -3.67
CA LEU D 100 20.03 -34.33 -3.98
C LEU D 100 19.96 -34.56 -5.49
N GLU D 101 21.11 -34.50 -6.15
CA GLU D 101 21.21 -34.51 -7.60
C GLU D 101 21.85 -35.81 -8.08
N ILE D 102 21.48 -36.22 -9.29
CA ILE D 102 22.08 -37.40 -9.91
C ILE D 102 23.43 -37.01 -10.50
N LYS D 103 24.45 -37.78 -10.19
CA LYS D 103 25.79 -37.56 -10.74
C LYS D 103 25.97 -38.38 -12.01
N ARG D 104 26.80 -37.88 -12.90
CA ARG D 104 27.10 -38.59 -14.15
C ARG D 104 28.37 -37.99 -14.76
N THR D 105 28.87 -38.67 -15.79
CA THR D 105 30.07 -38.21 -16.46
C THR D 105 29.87 -36.80 -16.99
N VAL D 106 30.98 -36.06 -17.07
CA VAL D 106 30.90 -34.69 -17.57
C VAL D 106 30.37 -34.71 -19.00
N ALA D 107 29.52 -33.74 -19.32
CA ALA D 107 28.94 -33.59 -20.64
C ALA D 107 29.04 -32.13 -21.05
N ALA D 108 29.64 -31.88 -22.20
CA ALA D 108 29.79 -30.51 -22.66
C ALA D 108 28.50 -30.01 -23.30
N PRO D 109 28.26 -28.71 -23.27
CA PRO D 109 27.04 -28.17 -23.89
C PRO D 109 27.19 -27.97 -25.39
N SER D 110 26.10 -28.24 -26.11
CA SER D 110 25.98 -27.83 -27.50
C SER D 110 25.43 -26.41 -27.52
N VAL D 111 26.23 -25.48 -28.04
CA VAL D 111 25.91 -24.05 -27.97
C VAL D 111 25.34 -23.61 -29.32
N PHE D 112 24.13 -23.05 -29.29
CA PHE D 112 23.50 -22.49 -30.47
C PHE D 112 22.97 -21.09 -30.14
N ILE D 113 22.97 -20.22 -31.14
CA ILE D 113 22.48 -18.86 -30.98
C ILE D 113 21.40 -18.60 -32.02
N PHE D 114 20.42 -17.78 -31.63
CA PHE D 114 19.31 -17.44 -32.50
C PHE D 114 19.20 -15.92 -32.56
N PRO D 115 19.27 -15.30 -33.74
CA PRO D 115 19.04 -13.86 -33.83
C PRO D 115 17.58 -13.53 -33.62
N PRO D 116 17.23 -12.25 -33.53
CA PRO D 116 15.81 -11.88 -33.45
C PRO D 116 15.06 -12.33 -34.69
N SER D 117 13.77 -12.57 -34.53
CA SER D 117 12.90 -12.82 -35.68
C SER D 117 12.55 -11.50 -36.34
N ASP D 118 12.19 -11.58 -37.62
CA ASP D 118 11.81 -10.37 -38.35
C ASP D 118 10.50 -9.81 -37.83
N GLU D 119 9.51 -10.67 -37.56
CA GLU D 119 8.23 -10.19 -37.05
C GLU D 119 8.41 -9.37 -35.78
N GLN D 120 9.28 -9.83 -34.88
CA GLN D 120 9.50 -9.11 -33.63
C GLN D 120 10.15 -7.76 -33.88
N LEU D 121 11.10 -7.69 -34.81
CA LEU D 121 11.79 -6.42 -35.07
C LEU D 121 10.83 -5.37 -35.62
N LYS D 122 9.82 -5.79 -36.39
CA LYS D 122 8.83 -4.83 -36.87
C LYS D 122 8.18 -4.06 -35.72
N SER D 123 8.10 -4.67 -34.54
CA SER D 123 7.41 -4.09 -33.40
C SER D 123 8.34 -3.31 -32.48
N GLY D 124 9.61 -3.14 -32.85
CA GLY D 124 10.52 -2.31 -32.08
C GLY D 124 11.23 -3.00 -30.94
N THR D 125 11.37 -4.33 -30.97
CA THR D 125 12.08 -5.05 -29.93
C THR D 125 12.90 -6.17 -30.58
N ALA D 126 14.00 -6.53 -29.92
CA ALA D 126 14.91 -7.54 -30.44
C ALA D 126 15.33 -8.47 -29.31
N SER D 127 15.06 -9.77 -29.48
CA SER D 127 15.43 -10.79 -28.51
C SER D 127 16.41 -11.77 -29.15
N VAL D 128 17.49 -12.07 -28.44
CA VAL D 128 18.51 -13.00 -28.91
C VAL D 128 18.60 -14.13 -27.89
N VAL D 129 18.49 -15.37 -28.38
CA VAL D 129 18.49 -16.55 -27.54
C VAL D 129 19.79 -17.31 -27.74
N CYS D 130 20.37 -17.78 -26.63
CA CYS D 130 21.56 -18.61 -26.64
C CYS D 130 21.26 -19.89 -25.85
N LEU D 131 21.34 -21.03 -26.53
CA LEU D 131 20.97 -22.31 -25.93
C LEU D 131 22.21 -23.11 -25.58
N LEU D 132 22.28 -23.56 -24.32
CA LEU D 132 23.23 -24.58 -23.90
C LEU D 132 22.44 -25.88 -23.70
N ASN D 133 22.76 -26.89 -24.48
CA ASN D 133 21.93 -28.09 -24.63
C ASN D 133 22.63 -29.33 -24.10
N ASN D 134 21.94 -30.09 -23.26
CA ASN D 134 22.37 -31.39 -22.78
C ASN D 134 23.84 -31.36 -22.32
N PHE D 135 24.04 -30.69 -21.18
CA PHE D 135 25.36 -30.60 -20.57
C PHE D 135 25.27 -31.03 -19.11
N TYR D 136 26.44 -31.34 -18.54
CA TYR D 136 26.57 -31.65 -17.12
C TYR D 136 28.02 -31.40 -16.72
N PRO D 137 28.29 -30.84 -15.53
CA PRO D 137 27.39 -30.45 -14.43
C PRO D 137 26.52 -29.23 -14.69
N ARG D 138 25.79 -28.83 -13.64
CA ARG D 138 24.81 -27.76 -13.74
C ARG D 138 25.47 -26.40 -13.98
N GLU D 139 26.57 -26.13 -13.27
CA GLU D 139 27.16 -24.80 -13.30
C GLU D 139 27.61 -24.44 -14.71
N ALA D 140 27.28 -23.22 -15.13
CA ALA D 140 27.70 -22.70 -16.42
C ALA D 140 27.62 -21.19 -16.38
N LYS D 141 28.62 -20.53 -16.98
CA LYS D 141 28.66 -19.08 -17.07
C LYS D 141 28.34 -18.66 -18.49
N VAL D 142 27.39 -17.73 -18.62
CA VAL D 142 26.95 -17.23 -19.92
C VAL D 142 27.09 -15.71 -19.90
N GLN D 143 27.88 -15.17 -20.81
CA GLN D 143 28.12 -13.75 -20.90
C GLN D 143 27.85 -13.28 -22.33
N TRP D 144 27.09 -12.20 -22.48
CA TRP D 144 26.80 -11.62 -23.78
C TRP D 144 27.82 -10.54 -24.11
N LYS D 145 28.18 -10.46 -25.39
CA LYS D 145 29.11 -9.44 -25.88
C LYS D 145 28.62 -8.89 -27.21
N VAL D 146 28.32 -7.60 -27.25
CA VAL D 146 27.90 -6.92 -28.46
C VAL D 146 29.06 -6.04 -28.91
N ASP D 147 29.64 -6.38 -30.06
CA ASP D 147 30.84 -5.70 -30.55
C ASP D 147 31.93 -5.71 -29.47
N ASN D 148 32.12 -6.88 -28.86
CA ASN D 148 33.10 -7.12 -27.81
C ASN D 148 32.84 -6.32 -26.54
N ALA D 149 31.65 -5.71 -26.41
CA ALA D 149 31.26 -4.99 -25.22
C ALA D 149 30.47 -5.92 -24.31
N LEU D 150 31.03 -6.25 -23.15
CA LEU D 150 30.37 -7.14 -22.22
C LEU D 150 29.08 -6.52 -21.71
N GLN D 151 27.96 -7.19 -21.97
CA GLN D 151 26.65 -6.69 -21.59
C GLN D 151 26.26 -7.19 -20.19
N SER D 152 25.31 -6.48 -19.59
CA SER D 152 24.88 -6.80 -18.23
C SER D 152 23.48 -6.25 -18.00
N GLY D 153 22.67 -6.99 -17.25
CA GLY D 153 21.34 -6.58 -16.86
C GLY D 153 20.27 -6.85 -17.89
N ASN D 154 20.64 -6.89 -19.16
CA ASN D 154 19.67 -7.06 -20.25
C ASN D 154 19.49 -8.51 -20.67
N SER D 155 19.93 -9.46 -19.84
CA SER D 155 19.78 -10.88 -20.14
C SER D 155 19.22 -11.61 -18.93
N GLN D 156 18.49 -12.68 -19.21
CA GLN D 156 17.96 -13.56 -18.17
C GLN D 156 17.98 -14.98 -18.71
N GLU D 157 18.39 -15.92 -17.87
CA GLU D 157 18.55 -17.30 -18.29
C GLU D 157 17.64 -18.21 -17.48
N SER D 158 17.35 -19.37 -18.07
CA SER D 158 16.43 -20.34 -17.50
C SER D 158 16.99 -21.74 -17.71
N VAL D 159 16.94 -22.57 -16.67
CA VAL D 159 17.52 -23.90 -16.69
C VAL D 159 16.42 -24.92 -16.46
N THR D 160 16.52 -26.06 -17.15
CA THR D 160 15.56 -27.14 -17.01
C THR D 160 15.99 -28.08 -15.89
N GLU D 161 14.99 -28.78 -15.33
CA GLU D 161 15.29 -29.80 -14.35
C GLU D 161 16.06 -30.93 -15.01
N GLN D 162 16.69 -31.77 -14.17
CA GLN D 162 17.54 -32.83 -14.68
C GLN D 162 16.75 -33.78 -15.57
N ASP D 163 17.26 -34.00 -16.78
CA ASP D 163 16.62 -34.92 -17.71
C ASP D 163 16.55 -36.32 -17.12
N SER D 164 15.39 -36.96 -17.24
CA SER D 164 15.14 -38.24 -16.61
C SER D 164 15.75 -39.42 -17.35
N LYS D 165 16.59 -39.17 -18.36
CA LYS D 165 17.29 -40.23 -19.08
C LYS D 165 18.80 -40.06 -19.02
N ASP D 166 19.33 -38.97 -19.55
CA ASP D 166 20.77 -38.71 -19.53
C ASP D 166 21.18 -37.83 -18.36
N SER D 167 20.25 -37.52 -17.45
CA SER D 167 20.57 -36.73 -16.25
C SER D 167 21.27 -35.42 -16.62
N THR D 168 20.97 -34.91 -17.80
CA THR D 168 21.64 -33.71 -18.29
C THR D 168 20.83 -32.46 -17.95
N TYR D 169 21.36 -31.31 -18.34
CA TYR D 169 20.67 -30.03 -18.16
C TYR D 169 20.62 -29.30 -19.48
N SER D 170 19.73 -28.31 -19.54
CA SER D 170 19.63 -27.41 -20.67
C SER D 170 19.33 -26.02 -20.16
N LEU D 171 20.02 -25.02 -20.70
CA LEU D 171 19.94 -23.65 -20.24
C LEU D 171 19.70 -22.72 -21.42
N SER D 172 18.76 -21.81 -21.27
CA SER D 172 18.53 -20.75 -22.23
C SER D 172 18.93 -19.41 -21.62
N SER D 173 19.38 -18.49 -22.47
CA SER D 173 19.72 -17.14 -22.04
C SER D 173 19.22 -16.17 -23.10
N THR D 174 18.29 -15.29 -22.71
CA THR D 174 17.65 -14.37 -23.64
C THR D 174 18.13 -12.95 -23.36
N LEU D 175 18.73 -12.33 -24.36
CA LEU D 175 19.16 -10.94 -24.30
C LEU D 175 18.11 -10.09 -25.00
N THR D 176 17.53 -9.14 -24.27
CA THR D 176 16.44 -8.32 -24.77
C THR D 176 16.94 -6.91 -25.02
N LEU D 177 16.75 -6.42 -26.25
CA LEU D 177 17.15 -5.08 -26.65
C LEU D 177 16.00 -4.41 -27.39
N SER D 178 16.13 -3.10 -27.57
CA SER D 178 15.22 -2.38 -28.45
C SER D 178 15.69 -2.54 -29.89
N LYS D 179 14.75 -2.44 -30.82
CA LYS D 179 15.11 -2.52 -32.23
C LYS D 179 16.14 -1.45 -32.58
N ALA D 180 15.96 -0.24 -32.05
CA ALA D 180 16.91 0.84 -32.31
C ALA D 180 18.32 0.44 -31.89
N ASP D 181 18.50 0.13 -30.60
CA ASP D 181 19.82 -0.20 -30.10
C ASP D 181 20.37 -1.48 -30.72
N TYR D 182 19.51 -2.37 -31.21
CA TYR D 182 19.98 -3.59 -31.85
C TYR D 182 20.58 -3.30 -33.21
N GLU D 183 20.09 -2.27 -33.90
CA GLU D 183 20.64 -1.90 -35.20
C GLU D 183 21.94 -1.11 -35.08
N LYS D 184 22.20 -0.49 -33.92
CA LYS D 184 23.42 0.27 -33.70
C LYS D 184 24.66 -0.61 -33.62
N HIS D 185 24.50 -1.94 -33.61
CA HIS D 185 25.61 -2.86 -33.44
C HIS D 185 25.48 -4.00 -34.45
N LYS D 186 26.52 -4.82 -34.53
CA LYS D 186 26.57 -5.88 -35.54
C LYS D 186 26.90 -7.23 -34.95
N VAL D 187 28.01 -7.33 -34.23
CA VAL D 187 28.51 -8.60 -33.73
C VAL D 187 27.84 -8.90 -32.38
N TYR D 188 27.04 -9.96 -32.34
CA TYR D 188 26.38 -10.42 -31.13
C TYR D 188 26.91 -11.81 -30.79
N ALA D 189 27.63 -11.91 -29.67
CA ALA D 189 28.32 -13.15 -29.30
C ALA D 189 27.80 -13.67 -27.97
N CYS D 190 27.96 -14.97 -27.77
CA CYS D 190 27.54 -15.67 -26.55
C CYS D 190 28.71 -16.51 -26.06
N GLU D 191 29.41 -16.01 -25.05
CA GLU D 191 30.58 -16.70 -24.52
C GLU D 191 30.16 -17.64 -23.39
N VAL D 192 30.51 -18.91 -23.53
CA VAL D 192 30.12 -19.96 -22.58
C VAL D 192 31.37 -20.56 -21.96
N THR D 193 31.28 -20.90 -20.68
CA THR D 193 32.37 -21.56 -19.97
C THR D 193 31.78 -22.71 -19.16
N HIS D 194 32.35 -23.90 -19.32
CA HIS D 194 31.83 -25.10 -18.68
C HIS D 194 32.96 -26.10 -18.51
N GLN D 195 32.84 -26.95 -17.48
CA GLN D 195 33.92 -27.86 -17.15
C GLN D 195 34.21 -28.81 -18.30
N GLY D 196 33.18 -29.23 -19.04
CA GLY D 196 33.36 -30.10 -20.19
C GLY D 196 33.98 -29.44 -21.41
N LEU D 197 34.37 -28.17 -21.30
CA LEU D 197 35.00 -27.44 -22.39
C LEU D 197 36.41 -27.09 -21.99
N SER D 198 37.40 -27.58 -22.76
CA SER D 198 38.79 -27.26 -22.46
C SER D 198 39.03 -25.76 -22.48
N SER D 199 38.43 -25.06 -23.44
CA SER D 199 38.53 -23.62 -23.56
C SER D 199 37.13 -23.04 -23.61
N PRO D 200 36.98 -21.75 -23.30
CA PRO D 200 35.66 -21.11 -23.42
C PRO D 200 35.23 -21.03 -24.89
N VAL D 201 33.93 -21.23 -25.11
CA VAL D 201 33.35 -21.25 -26.45
C VAL D 201 32.52 -19.99 -26.63
N THR D 202 32.64 -19.37 -27.81
CA THR D 202 31.91 -18.15 -28.14
C THR D 202 31.24 -18.35 -29.49
N LYS D 203 29.91 -18.36 -29.50
CA LYS D 203 29.13 -18.40 -30.73
C LYS D 203 28.55 -17.01 -30.98
N SER D 204 28.55 -16.61 -32.25
CA SER D 204 28.16 -15.25 -32.60
C SER D 204 27.51 -15.23 -33.98
N PHE D 205 26.88 -14.10 -34.29
CA PHE D 205 26.38 -13.82 -35.62
C PHE D 205 26.52 -12.34 -35.89
N ASN D 206 26.35 -11.95 -37.16
CA ASN D 206 26.48 -10.57 -37.59
C ASN D 206 25.14 -10.08 -38.14
N ARG D 207 25.18 -8.93 -38.81
CA ARG D 207 23.98 -8.27 -39.33
C ARG D 207 23.01 -7.95 -38.20
N GLY D 208 23.42 -6.97 -37.40
CA GLY D 208 22.57 -6.40 -36.36
C GLY D 208 21.98 -5.08 -36.83
N NH4 E . -0.77 14.52 -6.90
HN1 NH4 E . -0.11 13.80 -7.05
HN2 NH4 E . -1.11 14.46 -5.99
HN3 NH4 E . -1.52 14.41 -7.53
HN4 NH4 E . -0.35 15.38 -7.04
N NH4 F . -6.47 -3.51 16.19
HN1 NH4 F . -5.97 -4.11 15.59
HN2 NH4 F . -7.35 -3.31 15.79
HN3 NH4 F . -5.96 -2.68 16.32
HN4 NH4 F . -6.61 -3.96 17.05
N NH4 G . 13.59 3.29 6.54
HN1 NH4 G . 14.10 3.84 5.91
HN2 NH4 G . 13.88 2.36 6.47
HN3 NH4 G . 12.63 3.34 6.31
HN4 NH4 G . 13.73 3.61 7.45
N NH4 H . 1.17 -27.51 20.08
HN1 NH4 H . 0.76 -26.62 20.00
HN2 NH4 H . 1.99 -27.54 19.55
HN3 NH4 H . 1.38 -27.69 21.02
HN4 NH4 H . 0.54 -28.19 19.75
NA NA I . 15.78 -26.63 -46.65
N NH4 J . 10.58 -30.75 16.33
HN1 NH4 J . 9.64 -30.91 16.07
HN2 NH4 J . 10.63 -29.99 16.95
HN3 NH4 J . 10.94 -31.56 16.77
HN4 NH4 J . 11.11 -30.55 15.53
N NH4 K . 7.49 -35.31 -1.78
HN1 NH4 K . 8.45 -35.45 -1.62
HN2 NH4 K . 7.37 -34.60 -2.43
HN3 NH4 K . 7.07 -35.05 -0.93
HN4 NH4 K . 7.08 -36.14 -2.11
#